data_1HXV
#
_entry.id   1HXV
#
_entity_poly.entity_id   1
_entity_poly.type   'polypeptide(L)'
_entity_poly.pdbx_seq_one_letter_code
;MRGSHHHHHHGSEKLAKTKSTMVDVSDKKLANGDIAIIDFTGIVDNKKLASASAQNYELTIGSNSFIKGFETGLIAMKVN
QKKTLALTFPSDYHVKELQSKPVTFEVVLKAIK
;
_entity_poly.pdbx_strand_id   A
#
# COMPACT_ATOMS: atom_id res chain seq x y z
N LYS A 29 -11.30 -0.41 12.91
CA LYS A 29 -10.52 0.00 11.75
C LYS A 29 -9.31 0.83 12.18
N LEU A 30 -8.15 0.52 11.63
CA LEU A 30 -6.93 1.24 11.96
C LEU A 30 -6.81 2.48 11.08
N ALA A 31 -7.23 3.63 11.59
CA ALA A 31 -7.16 4.86 10.82
C ALA A 31 -5.79 5.53 10.93
N ASN A 32 -5.71 6.77 10.45
CA ASN A 32 -4.46 7.54 10.45
C ASN A 32 -3.77 7.52 11.82
N GLY A 33 -2.67 8.27 11.91
CA GLY A 33 -1.92 8.38 13.16
C GLY A 33 -1.40 7.05 13.68
N ASP A 34 -1.48 6.02 12.85
CA ASP A 34 -1.01 4.69 13.24
C ASP A 34 0.07 4.18 12.29
N ILE A 35 0.74 3.09 12.68
CA ILE A 35 1.77 2.50 11.84
C ILE A 35 1.22 1.22 11.23
N ALA A 36 1.13 1.15 9.91
CA ALA A 36 0.57 -0.04 9.27
C ALA A 36 1.64 -0.94 8.64
N ILE A 37 1.95 -2.05 9.30
CA ILE A 37 2.91 -3.01 8.75
C ILE A 37 2.17 -3.82 7.69
N ILE A 38 2.04 -3.23 6.52
CA ILE A 38 1.29 -3.85 5.44
C ILE A 38 2.18 -4.60 4.45
N ASP A 39 1.86 -5.86 4.23
CA ASP A 39 2.59 -6.68 3.26
C ASP A 39 1.90 -6.50 1.91
N PHE A 40 2.30 -5.45 1.23
CA PHE A 40 1.70 -5.11 -0.05
C PHE A 40 2.52 -5.61 -1.24
N THR A 41 1.94 -6.53 -2.00
CA THR A 41 2.61 -7.09 -3.16
C THR A 41 2.21 -6.37 -4.45
N GLY A 42 3.18 -5.68 -5.05
CA GLY A 42 2.95 -4.96 -6.29
C GLY A 42 2.65 -5.85 -7.48
N ILE A 43 1.41 -6.30 -7.60
CA ILE A 43 1.02 -7.14 -8.72
C ILE A 43 0.61 -6.30 -9.92
N VAL A 44 1.31 -6.47 -11.03
CA VAL A 44 1.01 -5.71 -12.23
C VAL A 44 0.11 -6.49 -13.19
N ASP A 45 -1.18 -6.49 -12.90
CA ASP A 45 -2.16 -7.20 -13.73
C ASP A 45 -1.77 -8.65 -13.95
N ASN A 46 -1.98 -9.48 -12.92
CA ASN A 46 -1.65 -10.92 -12.99
C ASN A 46 -0.20 -11.18 -12.65
N LYS A 47 0.70 -10.34 -13.13
CA LYS A 47 2.10 -10.52 -12.85
C LYS A 47 2.48 -9.84 -11.54
N LYS A 48 3.44 -10.42 -10.84
CA LYS A 48 3.90 -9.85 -9.58
C LYS A 48 5.37 -9.45 -9.66
N LEU A 49 5.63 -8.15 -9.54
CA LEU A 49 7.00 -7.63 -9.62
C LEU A 49 7.65 -7.62 -8.23
N ALA A 50 8.84 -7.04 -8.16
CA ALA A 50 9.57 -6.95 -6.90
C ALA A 50 9.61 -5.50 -6.39
N SER A 51 9.47 -4.55 -7.32
CA SER A 51 9.50 -3.14 -6.96
C SER A 51 8.43 -2.81 -5.93
N ALA A 52 7.17 -2.91 -6.33
CA ALA A 52 6.09 -2.60 -5.42
C ALA A 52 5.77 -3.78 -4.49
N SER A 53 6.68 -4.76 -4.41
CA SER A 53 6.47 -5.93 -3.57
C SER A 53 7.03 -5.73 -2.16
N ALA A 54 6.17 -5.26 -1.26
CA ALA A 54 6.58 -5.04 0.12
C ALA A 54 5.84 -5.93 1.08
N GLN A 55 6.58 -6.53 1.98
CA GLN A 55 6.03 -7.41 2.99
C GLN A 55 5.65 -6.62 4.24
N ASN A 56 5.96 -7.18 5.39
CA ASN A 56 5.70 -6.53 6.66
C ASN A 56 6.46 -5.20 6.70
N TYR A 57 5.93 -4.22 5.97
CA TYR A 57 6.54 -2.91 5.91
C TYR A 57 5.92 -1.98 6.93
N GLU A 58 6.69 -1.66 7.98
CA GLU A 58 6.21 -0.78 9.03
C GLU A 58 6.00 0.62 8.46
N LEU A 59 4.81 0.83 7.91
CA LEU A 59 4.45 2.12 7.34
C LEU A 59 3.73 2.95 8.38
N THR A 60 3.79 4.26 8.23
CA THR A 60 3.11 5.16 9.15
C THR A 60 1.96 5.83 8.42
N ILE A 61 0.73 5.51 8.79
CA ILE A 61 -0.41 6.11 8.13
C ILE A 61 -0.75 7.44 8.80
N GLY A 62 -0.37 8.51 8.12
CA GLY A 62 -0.57 9.84 8.64
C GLY A 62 0.70 10.66 8.58
N SER A 63 1.66 10.20 7.76
CA SER A 63 2.94 10.89 7.61
C SER A 63 3.00 11.64 6.29
N ASN A 64 2.05 11.36 5.39
CA ASN A 64 2.00 12.03 4.09
C ASN A 64 3.19 11.64 3.21
N SER A 65 3.78 10.48 3.46
CA SER A 65 4.92 10.01 2.68
C SER A 65 4.48 9.09 1.55
N PHE A 66 3.33 8.46 1.71
CA PHE A 66 2.82 7.55 0.68
C PHE A 66 1.81 8.26 -0.21
N ILE A 67 1.61 7.74 -1.42
CA ILE A 67 0.67 8.33 -2.36
C ILE A 67 -0.74 8.37 -1.78
N LYS A 68 -1.61 9.16 -2.40
CA LYS A 68 -3.00 9.28 -1.94
C LYS A 68 -3.84 8.10 -2.42
N GLY A 69 -4.42 7.38 -1.47
CA GLY A 69 -5.23 6.23 -1.81
C GLY A 69 -4.63 4.93 -1.33
N PHE A 70 -3.31 4.93 -1.15
CA PHE A 70 -2.59 3.75 -0.69
C PHE A 70 -2.69 3.58 0.83
N GLU A 71 -1.90 4.37 1.56
CA GLU A 71 -1.91 4.32 3.02
C GLU A 71 -3.33 4.29 3.56
N THR A 72 -4.22 5.07 2.91
CA THR A 72 -5.62 5.16 3.32
C THR A 72 -6.35 3.83 3.14
N GLY A 73 -6.23 3.23 1.95
CA GLY A 73 -6.89 1.97 1.69
C GLY A 73 -6.63 0.93 2.77
N LEU A 74 -5.50 1.07 3.45
CA LEU A 74 -5.14 0.15 4.52
C LEU A 74 -5.69 0.63 5.87
N ILE A 75 -5.82 1.95 6.03
CA ILE A 75 -6.32 2.51 7.30
C ILE A 75 -7.83 2.35 7.45
N ALA A 76 -8.51 2.03 6.36
CA ALA A 76 -9.96 1.89 6.38
C ALA A 76 -10.38 0.50 6.86
N MET A 77 -9.48 -0.47 6.77
CA MET A 77 -9.79 -1.82 7.21
C MET A 77 -9.03 -2.16 8.50
N LYS A 78 -9.38 -3.29 9.11
CA LYS A 78 -8.74 -3.72 10.35
C LYS A 78 -7.36 -4.28 10.05
N VAL A 79 -6.82 -5.11 10.94
CA VAL A 79 -5.50 -5.70 10.73
C VAL A 79 -5.64 -7.16 10.28
N ASN A 80 -4.58 -7.69 9.68
CA ASN A 80 -4.58 -9.06 9.19
C ASN A 80 -5.59 -9.22 8.05
N GLN A 81 -5.91 -8.12 7.38
CA GLN A 81 -6.86 -8.15 6.28
C GLN A 81 -6.14 -8.11 4.93
N LYS A 82 -6.66 -8.87 3.97
CA LYS A 82 -6.07 -8.93 2.64
C LYS A 82 -6.69 -7.87 1.74
N LYS A 83 -5.98 -6.75 1.60
CA LYS A 83 -6.46 -5.65 0.77
C LYS A 83 -5.87 -5.69 -0.63
N THR A 84 -6.41 -6.56 -1.48
CA THR A 84 -5.93 -6.69 -2.85
C THR A 84 -6.60 -5.64 -3.74
N LEU A 85 -6.26 -4.37 -3.49
CA LEU A 85 -6.82 -3.26 -4.25
C LEU A 85 -5.97 -2.92 -5.47
N ALA A 86 -6.62 -2.70 -6.60
CA ALA A 86 -5.92 -2.35 -7.83
C ALA A 86 -5.71 -0.83 -7.90
N LEU A 87 -4.65 -0.37 -7.27
CA LEU A 87 -4.35 1.07 -7.23
C LEU A 87 -3.47 1.50 -8.39
N THR A 88 -3.55 2.79 -8.70
CA THR A 88 -2.75 3.36 -9.78
C THR A 88 -1.42 3.88 -9.23
N PHE A 89 -0.58 4.39 -10.11
CA PHE A 89 0.71 4.93 -9.71
C PHE A 89 0.85 6.37 -10.16
N PRO A 90 0.89 7.33 -9.22
CA PRO A 90 0.99 8.76 -9.53
C PRO A 90 2.41 9.19 -9.89
N SER A 91 2.52 10.35 -10.55
CA SER A 91 3.80 10.90 -10.94
C SER A 91 4.70 11.12 -9.73
N ASP A 92 4.09 11.48 -8.62
CA ASP A 92 4.83 11.74 -7.38
C ASP A 92 5.88 10.66 -7.11
N TYR A 93 5.60 9.44 -7.57
CA TYR A 93 6.53 8.33 -7.37
C TYR A 93 7.92 8.67 -7.87
N HIS A 94 8.93 8.21 -7.12
CA HIS A 94 10.33 8.47 -7.47
C HIS A 94 10.70 7.86 -8.82
N VAL A 95 9.95 6.86 -9.25
CA VAL A 95 10.23 6.20 -10.52
C VAL A 95 9.31 6.72 -11.63
N LYS A 96 9.93 7.04 -12.76
CA LYS A 96 9.21 7.55 -13.92
C LYS A 96 8.07 6.61 -14.32
N GLU A 97 8.33 5.31 -14.24
CA GLU A 97 7.36 4.30 -14.61
C GLU A 97 6.09 4.36 -13.76
N LEU A 98 6.25 4.48 -12.44
CA LEU A 98 5.10 4.53 -11.55
C LEU A 98 4.47 5.91 -11.52
N GLN A 99 4.61 6.63 -12.59
CA GLN A 99 4.00 7.94 -12.70
C GLN A 99 2.58 7.74 -13.19
N SER A 100 2.41 6.77 -14.08
CA SER A 100 1.10 6.44 -14.65
C SER A 100 0.95 4.93 -14.80
N LYS A 101 1.07 4.19 -13.69
CA LYS A 101 0.97 2.73 -13.74
C LYS A 101 -0.15 2.15 -12.87
N PRO A 102 -1.24 1.67 -13.49
CA PRO A 102 -2.36 1.04 -12.77
C PRO A 102 -1.95 -0.34 -12.26
N VAL A 103 -1.46 -0.39 -11.03
CA VAL A 103 -0.99 -1.64 -10.45
C VAL A 103 -1.99 -2.31 -9.51
N THR A 104 -1.79 -3.61 -9.29
CA THR A 104 -2.62 -4.39 -8.40
C THR A 104 -1.86 -4.59 -7.10
N PHE A 105 -2.28 -3.86 -6.06
CA PHE A 105 -1.62 -3.94 -4.77
C PHE A 105 -2.27 -4.97 -3.85
N GLU A 106 -1.50 -5.97 -3.48
CA GLU A 106 -1.97 -6.99 -2.54
C GLU A 106 -1.45 -6.58 -1.17
N VAL A 107 -2.20 -5.71 -0.49
CA VAL A 107 -1.79 -5.22 0.81
C VAL A 107 -2.36 -6.02 1.96
N VAL A 108 -1.50 -6.75 2.66
CA VAL A 108 -1.90 -7.52 3.81
C VAL A 108 -1.93 -6.60 5.02
N LEU A 109 -3.09 -6.02 5.26
CA LEU A 109 -3.29 -5.05 6.33
C LEU A 109 -2.81 -5.50 7.71
N LYS A 110 -1.49 -5.47 7.94
CA LYS A 110 -0.96 -5.79 9.26
C LYS A 110 -0.57 -4.45 9.88
N ALA A 111 -0.98 -4.19 11.13
CA ALA A 111 -0.69 -2.87 11.69
C ALA A 111 -0.14 -2.87 13.12
N ILE A 112 0.97 -2.14 13.26
CA ILE A 112 1.64 -1.97 14.53
C ILE A 112 1.53 -0.50 14.98
N LYS A 113 1.19 -0.24 16.23
CA LYS A 113 1.06 1.14 16.68
C LYS A 113 2.30 1.58 17.44
N LYS A 29 -8.44 0.26 15.21
CA LYS A 29 -8.21 1.15 14.08
C LYS A 29 -6.89 1.91 14.23
N LEU A 30 -5.87 1.47 13.51
CA LEU A 30 -4.56 2.12 13.55
C LEU A 30 -4.55 3.30 12.59
N ALA A 31 -4.99 4.45 13.08
CA ALA A 31 -5.05 5.65 12.24
C ALA A 31 -3.68 6.31 12.09
N ASN A 32 -3.69 7.52 11.55
CA ASN A 32 -2.46 8.29 11.31
C ASN A 32 -1.56 8.35 12.54
N GLY A 33 -0.47 9.12 12.43
CA GLY A 33 0.46 9.29 13.52
C GLY A 33 1.10 7.99 13.99
N ASP A 34 0.89 6.91 13.25
CA ASP A 34 1.44 5.61 13.60
C ASP A 34 2.34 5.07 12.49
N ILE A 35 3.11 4.04 12.80
CA ILE A 35 3.99 3.43 11.81
C ILE A 35 3.39 2.09 11.39
N ALA A 36 3.06 1.93 10.12
CA ALA A 36 2.44 0.70 9.66
C ALA A 36 3.40 -0.21 8.89
N ILE A 37 3.88 -1.26 9.54
CA ILE A 37 4.75 -2.22 8.86
C ILE A 37 3.86 -3.14 8.02
N ILE A 38 3.49 -2.63 6.87
CA ILE A 38 2.58 -3.36 6.00
C ILE A 38 3.28 -4.12 4.89
N ASP A 39 2.98 -5.42 4.79
CA ASP A 39 3.55 -6.24 3.73
C ASP A 39 2.61 -6.16 2.54
N PHE A 40 2.81 -5.11 1.75
CA PHE A 40 1.97 -4.87 0.59
C PHE A 40 2.58 -5.39 -0.70
N THR A 41 1.90 -6.36 -1.31
CA THR A 41 2.37 -6.95 -2.55
C THR A 41 1.75 -6.28 -3.77
N GLY A 42 2.59 -5.63 -4.58
CA GLY A 42 2.12 -4.97 -5.79
C GLY A 42 1.74 -5.93 -6.89
N ILE A 43 0.52 -6.46 -6.83
CA ILE A 43 0.04 -7.38 -7.84
C ILE A 43 -0.63 -6.64 -8.98
N VAL A 44 -0.11 -6.79 -10.19
CA VAL A 44 -0.67 -6.11 -11.35
C VAL A 44 -1.71 -6.99 -12.06
N ASP A 45 -2.90 -7.06 -11.50
CA ASP A 45 -3.98 -7.85 -12.06
C ASP A 45 -3.57 -9.30 -12.26
N ASN A 46 -3.50 -10.06 -11.17
CA ASN A 46 -3.11 -11.47 -11.21
C ASN A 46 -1.61 -11.65 -11.15
N LYS A 47 -0.87 -10.73 -11.75
CA LYS A 47 0.58 -10.84 -11.74
C LYS A 47 1.16 -10.14 -10.51
N LYS A 48 2.16 -10.77 -9.91
CA LYS A 48 2.81 -10.21 -8.73
C LYS A 48 4.29 -9.93 -9.01
N LEU A 49 4.60 -8.68 -9.32
CA LEU A 49 5.98 -8.28 -9.62
C LEU A 49 6.72 -7.87 -8.35
N ALA A 50 7.96 -7.45 -8.51
CA ALA A 50 8.79 -7.03 -7.38
C ALA A 50 8.70 -5.51 -7.16
N SER A 51 8.18 -4.81 -8.15
CA SER A 51 8.04 -3.34 -8.06
C SER A 51 7.33 -2.93 -6.79
N ALA A 52 6.01 -3.00 -6.79
CA ALA A 52 5.23 -2.60 -5.63
C ALA A 52 5.14 -3.73 -4.59
N SER A 53 6.04 -4.70 -4.67
CA SER A 53 6.03 -5.83 -3.74
C SER A 53 6.84 -5.51 -2.48
N ALA A 54 6.14 -5.02 -1.46
CA ALA A 54 6.78 -4.68 -0.20
C ALA A 54 6.28 -5.53 0.94
N GLN A 55 7.20 -6.03 1.73
CA GLN A 55 6.89 -6.87 2.88
C GLN A 55 6.72 -6.01 4.13
N ASN A 56 7.27 -6.49 5.22
CA ASN A 56 7.23 -5.76 6.49
C ASN A 56 7.91 -4.41 6.30
N TYR A 57 7.20 -3.50 5.66
CA TYR A 57 7.72 -2.16 5.40
C TYR A 57 7.27 -1.20 6.49
N GLU A 58 8.20 -0.83 7.35
CA GLU A 58 7.91 0.11 8.42
C GLU A 58 7.56 1.47 7.84
N LEU A 59 6.29 1.62 7.49
CA LEU A 59 5.79 2.87 6.92
C LEU A 59 5.24 3.74 8.04
N THR A 60 5.22 5.04 7.81
CA THR A 60 4.69 5.97 8.80
C THR A 60 3.40 6.56 8.25
N ILE A 61 2.28 6.21 8.87
CA ILE A 61 1.01 6.73 8.41
C ILE A 61 0.73 8.08 9.05
N GLY A 62 0.94 9.12 8.27
CA GLY A 62 0.75 10.48 8.77
C GLY A 62 1.97 11.34 8.46
N SER A 63 2.76 10.91 7.47
CA SER A 63 3.95 11.64 7.08
C SER A 63 3.73 12.38 5.76
N ASN A 64 2.77 11.91 4.98
CA ASN A 64 2.43 12.53 3.69
C ASN A 64 3.43 12.14 2.61
N SER A 65 4.09 10.99 2.79
CA SER A 65 5.07 10.52 1.82
C SER A 65 4.46 9.51 0.85
N PHE A 66 3.38 8.86 1.28
CA PHE A 66 2.70 7.87 0.44
C PHE A 66 1.51 8.51 -0.28
N ILE A 67 1.13 7.93 -1.41
CA ILE A 67 0.01 8.43 -2.19
C ILE A 67 -1.26 8.50 -1.35
N LYS A 68 -2.24 9.26 -1.83
CA LYS A 68 -3.51 9.41 -1.12
C LYS A 68 -4.41 8.21 -1.37
N GLY A 69 -4.72 7.47 -0.30
CA GLY A 69 -5.56 6.30 -0.44
C GLY A 69 -4.83 5.04 -0.02
N PHE A 70 -3.51 5.06 -0.16
CA PHE A 70 -2.67 3.92 0.20
C PHE A 70 -2.47 3.85 1.71
N GLU A 71 -1.54 4.67 2.23
CA GLU A 71 -1.25 4.71 3.66
C GLU A 71 -2.53 4.72 4.47
N THR A 72 -3.54 5.43 3.97
CA THR A 72 -4.83 5.57 4.65
C THR A 72 -5.59 4.24 4.71
N GLY A 73 -5.78 3.61 3.56
CA GLY A 73 -6.52 2.34 3.52
C GLY A 73 -5.99 1.32 4.52
N LEU A 74 -4.73 1.46 4.88
CA LEU A 74 -4.12 0.55 5.85
C LEU A 74 -4.37 1.02 7.27
N ILE A 75 -4.49 2.34 7.46
CA ILE A 75 -4.72 2.90 8.79
C ILE A 75 -6.13 2.58 9.31
N ALA A 76 -7.06 2.40 8.40
CA ALA A 76 -8.45 2.13 8.77
C ALA A 76 -8.66 0.69 9.25
N MET A 77 -7.67 -0.18 9.02
CA MET A 77 -7.79 -1.56 9.44
C MET A 77 -6.87 -1.86 10.63
N LYS A 78 -7.16 -2.95 11.33
CA LYS A 78 -6.37 -3.36 12.49
C LYS A 78 -5.01 -3.90 12.05
N VAL A 79 -4.32 -4.63 12.92
CA VAL A 79 -3.02 -5.18 12.58
C VAL A 79 -3.14 -6.66 12.24
N ASN A 80 -2.16 -7.19 11.53
CA ASN A 80 -2.16 -8.59 11.14
C ASN A 80 -3.30 -8.89 10.18
N GLN A 81 -3.82 -7.85 9.53
CA GLN A 81 -4.93 -8.01 8.58
C GLN A 81 -4.44 -7.96 7.15
N LYS A 82 -4.70 -9.03 6.39
CA LYS A 82 -4.29 -9.10 4.99
C LYS A 82 -5.37 -8.51 4.09
N LYS A 83 -5.22 -7.21 3.80
CA LYS A 83 -6.19 -6.52 2.96
C LYS A 83 -5.71 -6.41 1.51
N THR A 84 -6.22 -7.28 0.65
CA THR A 84 -5.84 -7.26 -0.75
C THR A 84 -6.70 -6.27 -1.54
N LEU A 85 -6.37 -4.99 -1.39
CA LEU A 85 -7.12 -3.93 -2.06
C LEU A 85 -6.53 -3.60 -3.44
N ALA A 86 -7.40 -3.44 -4.43
CA ALA A 86 -6.97 -3.10 -5.77
C ALA A 86 -6.85 -1.59 -5.93
N LEU A 87 -5.70 -1.05 -5.53
CA LEU A 87 -5.47 0.39 -5.59
C LEU A 87 -4.85 0.82 -6.92
N THR A 88 -5.12 2.06 -7.29
CA THR A 88 -4.58 2.62 -8.52
C THR A 88 -3.25 3.29 -8.22
N PHE A 89 -2.60 3.80 -9.26
CA PHE A 89 -1.31 4.46 -9.10
C PHE A 89 -1.40 5.90 -9.63
N PRO A 90 -1.35 6.89 -8.73
CA PRO A 90 -1.44 8.31 -9.10
C PRO A 90 -0.13 8.86 -9.66
N SER A 91 -0.22 10.02 -10.32
CA SER A 91 0.95 10.66 -10.90
C SER A 91 1.98 10.99 -9.83
N ASP A 92 1.49 11.32 -8.63
CA ASP A 92 2.35 11.67 -7.50
C ASP A 92 3.51 10.69 -7.36
N TYR A 93 3.30 9.43 -7.71
CA TYR A 93 4.34 8.41 -7.60
C TYR A 93 5.64 8.86 -8.27
N HIS A 94 6.76 8.55 -7.62
CA HIS A 94 8.07 8.92 -8.14
C HIS A 94 8.33 8.34 -9.52
N VAL A 95 7.65 7.24 -9.85
CA VAL A 95 7.83 6.59 -11.14
C VAL A 95 6.74 6.98 -12.13
N LYS A 96 7.17 7.37 -13.32
CA LYS A 96 6.26 7.79 -14.39
C LYS A 96 5.18 6.73 -14.65
N GLU A 97 5.59 5.47 -14.65
CA GLU A 97 4.68 4.36 -14.91
C GLU A 97 3.52 4.30 -13.91
N LEU A 98 3.84 4.44 -12.63
CA LEU A 98 2.81 4.38 -11.60
C LEU A 98 2.07 5.70 -11.47
N GLN A 99 1.99 6.41 -12.58
CA GLN A 99 1.25 7.65 -12.62
C GLN A 99 -0.21 7.31 -12.89
N SER A 100 -0.41 6.28 -13.73
CA SER A 100 -1.77 5.83 -14.08
C SER A 100 -1.83 4.30 -14.16
N LYS A 101 -1.45 3.62 -13.08
CA LYS A 101 -1.44 2.16 -13.08
C LYS A 101 -2.35 1.53 -12.01
N PRO A 102 -3.51 0.97 -12.40
CA PRO A 102 -4.43 0.30 -11.47
C PRO A 102 -3.85 -1.03 -10.99
N VAL A 103 -3.23 -1.00 -9.82
CA VAL A 103 -2.58 -2.19 -9.28
C VAL A 103 -3.38 -2.87 -8.16
N THR A 104 -3.02 -4.12 -7.89
CA THR A 104 -3.65 -4.91 -6.83
C THR A 104 -2.67 -4.98 -5.66
N PHE A 105 -2.98 -4.24 -4.61
CA PHE A 105 -2.11 -4.20 -3.44
C PHE A 105 -2.53 -5.21 -2.38
N GLU A 106 -1.62 -6.13 -2.07
CA GLU A 106 -1.86 -7.11 -1.02
C GLU A 106 -1.15 -6.61 0.23
N VAL A 107 -1.83 -5.73 0.96
CA VAL A 107 -1.23 -5.12 2.16
C VAL A 107 -1.55 -5.90 3.42
N VAL A 108 -0.54 -6.52 3.99
CA VAL A 108 -0.67 -7.25 5.23
C VAL A 108 -0.53 -6.27 6.39
N LEU A 109 -1.65 -5.73 6.82
CA LEU A 109 -1.71 -4.71 7.86
C LEU A 109 -0.94 -5.04 9.14
N LYS A 110 0.39 -4.92 9.11
CA LYS A 110 1.17 -5.14 10.32
C LYS A 110 1.64 -3.75 10.77
N ALA A 111 1.42 -3.38 12.03
CA ALA A 111 1.77 -2.03 12.44
C ALA A 111 2.56 -1.90 13.74
N ILE A 112 3.66 -1.15 13.63
CA ILE A 112 4.54 -0.87 14.75
C ILE A 112 4.44 0.61 15.11
N LYS A 113 4.33 0.96 16.39
CA LYS A 113 4.23 2.36 16.77
C LYS A 113 5.56 2.89 17.27
N LYS A 29 -10.62 -3.98 13.48
CA LYS A 29 -10.50 -2.85 12.56
C LYS A 29 -9.33 -1.94 12.95
N LEU A 30 -8.18 -2.15 12.31
CA LEU A 30 -7.01 -1.34 12.58
C LEU A 30 -7.04 -0.06 11.75
N ALA A 31 -7.71 0.96 12.27
CA ALA A 31 -7.83 2.22 11.55
C ALA A 31 -6.58 3.08 11.68
N ASN A 32 -6.71 4.35 11.29
CA ASN A 32 -5.60 5.31 11.31
C ASN A 32 -4.84 5.31 12.64
N GLY A 33 -3.90 6.25 12.77
CA GLY A 33 -3.12 6.40 13.99
C GLY A 33 -2.33 5.16 14.38
N ASP A 34 -2.27 4.18 13.49
CA ASP A 34 -1.55 2.94 13.76
C ASP A 34 -0.43 2.72 12.73
N ILE A 35 0.46 1.77 13.02
CA ILE A 35 1.54 1.46 12.10
C ILE A 35 1.25 0.12 11.45
N ALA A 36 1.12 0.10 10.13
CA ALA A 36 0.80 -1.15 9.43
C ALA A 36 1.99 -1.73 8.68
N ILE A 37 2.62 -2.75 9.25
CA ILE A 37 3.74 -3.41 8.59
C ILE A 37 3.17 -4.34 7.51
N ILE A 38 2.86 -3.75 6.38
CA ILE A 38 2.22 -4.49 5.30
C ILE A 38 3.18 -4.91 4.18
N ASP A 39 3.13 -6.20 3.83
CA ASP A 39 3.94 -6.72 2.74
C ASP A 39 3.14 -6.58 1.45
N PHE A 40 3.27 -5.42 0.85
CA PHE A 40 2.52 -5.11 -0.37
C PHE A 40 3.36 -5.32 -1.64
N THR A 41 2.89 -6.24 -2.49
CA THR A 41 3.59 -6.56 -3.73
C THR A 41 3.02 -5.76 -4.91
N GLY A 42 3.86 -4.91 -5.50
CA GLY A 42 3.44 -4.12 -6.64
C GLY A 42 3.37 -4.93 -7.91
N ILE A 43 2.26 -5.63 -8.11
CA ILE A 43 2.09 -6.46 -9.30
C ILE A 43 1.47 -5.66 -10.43
N VAL A 44 2.17 -5.58 -11.56
CA VAL A 44 1.66 -4.83 -12.70
C VAL A 44 0.88 -5.74 -13.65
N ASP A 45 -0.36 -6.04 -13.29
CA ASP A 45 -1.22 -6.89 -14.11
C ASP A 45 -0.53 -8.20 -14.47
N ASN A 46 -0.52 -9.14 -13.52
CA ASN A 46 0.10 -10.45 -13.72
C ASN A 46 1.58 -10.43 -13.42
N LYS A 47 2.25 -9.36 -13.82
CA LYS A 47 3.68 -9.26 -13.58
C LYS A 47 3.96 -8.64 -12.22
N LYS A 48 5.02 -9.10 -11.57
CA LYS A 48 5.40 -8.57 -10.26
C LYS A 48 6.81 -7.99 -10.30
N LEU A 49 6.92 -6.67 -10.34
CA LEU A 49 8.21 -6.01 -10.38
C LEU A 49 8.74 -5.73 -8.98
N ALA A 50 9.92 -5.11 -8.91
CA ALA A 50 10.54 -4.78 -7.63
C ALA A 50 10.16 -3.37 -7.18
N SER A 51 9.59 -2.59 -8.08
CA SER A 51 9.19 -1.21 -7.77
C SER A 51 8.31 -1.16 -6.54
N ALA A 52 7.03 -1.45 -6.71
CA ALA A 52 6.10 -1.40 -5.59
C ALA A 52 6.08 -2.72 -4.81
N SER A 53 7.16 -3.49 -4.89
CA SER A 53 7.25 -4.77 -4.20
C SER A 53 7.82 -4.59 -2.79
N ALA A 54 6.96 -4.32 -1.82
CA ALA A 54 7.40 -4.14 -0.45
C ALA A 54 6.86 -5.21 0.47
N GLN A 55 7.73 -5.73 1.30
CA GLN A 55 7.38 -6.77 2.25
C GLN A 55 6.94 -6.15 3.57
N ASN A 56 7.43 -6.70 4.66
CA ASN A 56 7.11 -6.19 5.98
C ASN A 56 7.57 -4.74 6.09
N TYR A 57 6.78 -3.85 5.49
CA TYR A 57 7.09 -2.43 5.50
C TYR A 57 6.33 -1.71 6.60
N GLU A 58 7.04 -1.37 7.67
CA GLU A 58 6.44 -0.66 8.79
C GLU A 58 5.89 0.68 8.32
N LEU A 59 4.64 0.66 7.90
CA LEU A 59 3.98 1.87 7.43
C LEU A 59 3.17 2.48 8.55
N THR A 60 2.95 3.78 8.48
CA THR A 60 2.17 4.47 9.49
C THR A 60 0.86 4.90 8.86
N ILE A 61 -0.25 4.30 9.29
CA ILE A 61 -1.54 4.66 8.72
C ILE A 61 -2.14 5.84 9.46
N GLY A 62 -2.00 7.00 8.86
CA GLY A 62 -2.47 8.23 9.46
C GLY A 62 -1.41 9.31 9.42
N SER A 63 -0.43 9.15 8.54
CA SER A 63 0.66 10.11 8.40
C SER A 63 0.49 10.95 7.15
N ASN A 64 -0.26 10.44 6.17
CA ASN A 64 -0.51 11.14 4.92
C ASN A 64 0.69 11.06 3.99
N SER A 65 1.51 10.02 4.16
CA SER A 65 2.70 9.84 3.32
C SER A 65 2.42 8.89 2.16
N PHE A 66 1.44 8.01 2.34
CA PHE A 66 1.08 7.05 1.29
C PHE A 66 -0.08 7.58 0.45
N ILE A 67 -0.17 7.11 -0.79
CA ILE A 67 -1.23 7.55 -1.69
C ILE A 67 -2.60 7.28 -1.09
N LYS A 68 -3.63 7.92 -1.65
CA LYS A 68 -4.99 7.76 -1.16
C LYS A 68 -5.62 6.47 -1.69
N GLY A 69 -6.02 5.59 -0.79
CA GLY A 69 -6.61 4.33 -1.19
C GLY A 69 -5.79 3.14 -0.73
N PHE A 70 -4.49 3.36 -0.52
CA PHE A 70 -3.59 2.31 -0.08
C PHE A 70 -3.67 2.10 1.43
N GLU A 71 -3.06 3.02 2.18
CA GLU A 71 -3.05 2.94 3.64
C GLU A 71 -4.45 2.62 4.17
N THR A 72 -5.46 3.19 3.54
CA THR A 72 -6.86 2.99 3.94
C THR A 72 -7.31 1.54 3.75
N GLY A 73 -7.03 0.97 2.58
CA GLY A 73 -7.44 -0.40 2.32
C GLY A 73 -6.87 -1.40 3.31
N LEU A 74 -5.78 -1.03 3.96
CA LEU A 74 -5.15 -1.89 4.95
C LEU A 74 -5.71 -1.64 6.36
N ILE A 75 -6.07 -0.38 6.62
CA ILE A 75 -6.61 0.00 7.94
C ILE A 75 -8.02 -0.53 8.17
N ALA A 76 -8.75 -0.75 7.10
CA ALA A 76 -10.13 -1.23 7.20
C ALA A 76 -10.20 -2.69 7.60
N MET A 77 -9.11 -3.43 7.36
CA MET A 77 -9.08 -4.85 7.72
C MET A 77 -8.16 -5.08 8.92
N LYS A 78 -8.22 -6.29 9.48
CA LYS A 78 -7.40 -6.63 10.63
C LYS A 78 -5.95 -6.85 10.22
N VAL A 79 -5.20 -7.59 11.01
CA VAL A 79 -3.81 -7.87 10.69
C VAL A 79 -3.67 -9.30 10.15
N ASN A 80 -2.56 -9.56 9.46
CA ASN A 80 -2.32 -10.88 8.88
C ASN A 80 -3.32 -11.17 7.76
N GLN A 81 -3.92 -10.12 7.21
CA GLN A 81 -4.90 -10.28 6.14
C GLN A 81 -4.26 -9.95 4.79
N LYS A 82 -4.61 -10.71 3.76
CA LYS A 82 -4.07 -10.49 2.42
C LYS A 82 -4.93 -9.51 1.63
N LYS A 83 -4.45 -8.29 1.50
CA LYS A 83 -5.17 -7.25 0.77
C LYS A 83 -4.66 -7.13 -0.66
N THR A 84 -5.09 -8.04 -1.52
CA THR A 84 -4.68 -8.03 -2.92
C THR A 84 -5.57 -7.09 -3.73
N LEU A 85 -5.47 -5.80 -3.43
CA LEU A 85 -6.27 -4.79 -4.11
C LEU A 85 -5.52 -4.21 -5.31
N ALA A 86 -6.24 -4.04 -6.43
CA ALA A 86 -5.64 -3.48 -7.64
C ALA A 86 -5.70 -1.96 -7.59
N LEU A 87 -4.70 -1.36 -6.96
CA LEU A 87 -4.65 0.09 -6.81
C LEU A 87 -3.95 0.77 -7.98
N THR A 88 -4.30 2.03 -8.20
CA THR A 88 -3.70 2.81 -9.27
C THR A 88 -2.52 3.60 -8.72
N PHE A 89 -1.82 4.30 -9.61
CA PHE A 89 -0.68 5.10 -9.21
C PHE A 89 -0.88 6.57 -9.61
N PRO A 90 -1.16 7.45 -8.63
CA PRO A 90 -1.41 8.88 -8.89
C PRO A 90 -0.14 9.65 -9.23
N SER A 91 -0.31 10.82 -9.83
CA SER A 91 0.81 11.69 -10.20
C SER A 91 1.65 12.05 -8.98
N ASP A 92 0.97 12.25 -7.85
CA ASP A 92 1.65 12.62 -6.61
C ASP A 92 2.90 11.77 -6.36
N TYR A 93 2.89 10.54 -6.86
CA TYR A 93 4.03 9.65 -6.69
C TYR A 93 5.34 10.33 -7.09
N HIS A 94 6.39 10.08 -6.31
CA HIS A 94 7.69 10.66 -6.56
C HIS A 94 8.24 10.25 -7.93
N VAL A 95 7.78 9.11 -8.44
CA VAL A 95 8.23 8.63 -9.73
C VAL A 95 7.23 8.97 -10.83
N LYS A 96 7.76 9.48 -11.94
CA LYS A 96 6.95 9.86 -13.09
C LYS A 96 6.07 8.70 -13.55
N GLU A 97 6.66 7.51 -13.57
CA GLU A 97 5.96 6.31 -14.01
C GLU A 97 4.69 6.03 -13.20
N LEU A 98 4.80 6.11 -11.87
CA LEU A 98 3.66 5.84 -11.02
C LEU A 98 2.73 7.03 -10.93
N GLN A 99 2.72 7.83 -11.96
CA GLN A 99 1.83 8.96 -12.03
C GLN A 99 0.50 8.47 -12.57
N SER A 100 0.56 7.52 -13.50
CA SER A 100 -0.64 6.94 -14.11
C SER A 100 -0.47 5.44 -14.32
N LYS A 101 -0.14 4.71 -13.26
CA LYS A 101 0.08 3.26 -13.38
C LYS A 101 -0.87 2.42 -12.50
N PRO A 102 -1.88 1.77 -13.11
CA PRO A 102 -2.81 0.90 -12.37
C PRO A 102 -2.14 -0.41 -11.97
N VAL A 103 -1.68 -0.49 -10.74
CA VAL A 103 -0.97 -1.67 -10.25
C VAL A 103 -1.82 -2.58 -9.36
N THR A 104 -1.34 -3.80 -9.17
CA THR A 104 -1.98 -4.78 -8.31
C THR A 104 -1.19 -4.89 -7.02
N PHE A 105 -1.74 -4.36 -5.94
CA PHE A 105 -1.04 -4.38 -4.66
C PHE A 105 -1.46 -5.56 -3.80
N GLU A 106 -0.51 -6.44 -3.53
CA GLU A 106 -0.74 -7.57 -2.65
C GLU A 106 -0.24 -7.15 -1.28
N VAL A 107 -1.10 -6.44 -0.55
CA VAL A 107 -0.74 -5.94 0.77
C VAL A 107 -1.06 -6.93 1.87
N VAL A 108 -0.04 -7.53 2.43
CA VAL A 108 -0.20 -8.46 3.53
C VAL A 108 -0.39 -7.65 4.80
N LEU A 109 -1.65 -7.37 5.10
CA LEU A 109 -2.04 -6.54 6.23
C LEU A 109 -1.43 -6.96 7.57
N LYS A 110 -0.13 -6.74 7.76
CA LYS A 110 0.48 -7.03 9.04
C LYS A 110 0.69 -5.69 9.71
N ALA A 111 0.33 -5.54 10.98
CA ALA A 111 0.45 -4.21 11.58
C ALA A 111 0.95 -4.18 13.02
N ILE A 112 1.90 -3.28 13.24
CA ILE A 112 2.49 -3.05 14.56
C ILE A 112 2.03 -1.69 15.08
N LYS A 113 1.60 -1.60 16.33
CA LYS A 113 1.14 -0.31 16.86
C LYS A 113 2.22 0.34 17.71
N LYS A 29 -8.55 -1.96 15.03
CA LYS A 29 -8.48 -0.87 14.06
C LYS A 29 -7.18 -0.08 14.21
N LEU A 30 -6.20 -0.39 13.38
CA LEU A 30 -4.92 0.32 13.42
C LEU A 30 -5.00 1.58 12.57
N ALA A 31 -5.51 2.65 13.15
CA ALA A 31 -5.67 3.91 12.43
C ALA A 31 -4.35 4.68 12.36
N ASN A 32 -4.45 5.94 11.91
CA ASN A 32 -3.28 6.80 11.75
C ASN A 32 -2.39 6.84 13.00
N GLY A 33 -1.39 7.71 12.97
CA GLY A 33 -0.48 7.87 14.11
C GLY A 33 0.27 6.60 14.48
N ASP A 34 0.16 5.56 13.65
CA ASP A 34 0.84 4.30 13.91
C ASP A 34 1.80 3.94 12.79
N ILE A 35 2.65 2.95 13.02
CA ILE A 35 3.60 2.50 12.01
C ILE A 35 3.11 1.17 11.45
N ALA A 36 2.83 1.10 10.16
CA ALA A 36 2.32 -0.12 9.57
C ALA A 36 3.37 -0.86 8.74
N ILE A 37 3.94 -1.92 9.29
CA ILE A 37 4.90 -2.74 8.55
C ILE A 37 4.11 -3.61 7.59
N ILE A 38 3.72 -3.01 6.49
CA ILE A 38 2.88 -3.69 5.51
C ILE A 38 3.69 -4.33 4.38
N ASP A 39 3.45 -5.63 4.17
CA ASP A 39 4.11 -6.35 3.08
C ASP A 39 3.20 -6.25 1.88
N PHE A 40 3.33 -5.14 1.17
CA PHE A 40 2.49 -4.87 0.01
C PHE A 40 3.18 -5.21 -1.30
N THR A 41 2.64 -6.22 -2.00
CA THR A 41 3.20 -6.67 -3.27
C THR A 41 2.53 -5.96 -4.45
N GLY A 42 3.31 -5.19 -5.19
CA GLY A 42 2.80 -4.49 -6.36
C GLY A 42 2.46 -5.40 -7.51
N ILE A 43 1.29 -6.02 -7.46
CA ILE A 43 0.85 -6.91 -8.53
C ILE A 43 0.13 -6.12 -9.61
N VAL A 44 0.63 -6.19 -10.83
CA VAL A 44 0.04 -5.48 -11.95
C VAL A 44 -0.96 -6.35 -12.72
N ASP A 45 -2.13 -6.55 -12.12
CA ASP A 45 -3.17 -7.37 -12.75
C ASP A 45 -2.65 -8.76 -13.11
N ASN A 46 -2.52 -9.63 -12.10
CA ASN A 46 -2.03 -10.99 -12.30
C ASN A 46 -0.52 -11.06 -12.26
N LYS A 47 0.15 -10.03 -12.77
CA LYS A 47 1.59 -10.03 -12.76
C LYS A 47 2.12 -9.39 -11.49
N LYS A 48 3.20 -9.96 -10.95
CA LYS A 48 3.81 -9.44 -9.72
C LYS A 48 5.25 -9.01 -9.97
N LEU A 49 5.44 -7.71 -10.18
CA LEU A 49 6.78 -7.18 -10.44
C LEU A 49 7.48 -6.80 -9.14
N ALA A 50 8.69 -6.25 -9.26
CA ALA A 50 9.47 -5.84 -8.10
C ALA A 50 9.26 -4.36 -7.78
N SER A 51 8.67 -3.62 -8.72
CA SER A 51 8.43 -2.20 -8.54
C SER A 51 7.73 -1.91 -7.22
N ALA A 52 6.42 -2.12 -7.19
CA ALA A 52 5.65 -1.87 -5.97
C ALA A 52 5.67 -3.08 -5.04
N SER A 53 6.69 -3.93 -5.16
CA SER A 53 6.79 -5.12 -4.31
C SER A 53 7.50 -4.82 -3.00
N ALA A 54 6.71 -4.52 -1.97
CA ALA A 54 7.25 -4.21 -0.66
C ALA A 54 6.80 -5.20 0.40
N GLN A 55 7.74 -5.68 1.17
CA GLN A 55 7.47 -6.64 2.23
C GLN A 55 7.25 -5.91 3.55
N ASN A 56 7.84 -6.44 4.59
CA ASN A 56 7.75 -5.83 5.91
C ASN A 56 8.32 -4.43 5.86
N TYR A 57 7.53 -3.51 5.30
CA TYR A 57 7.94 -2.13 5.17
C TYR A 57 7.44 -1.31 6.35
N GLU A 58 8.37 -0.92 7.22
CA GLU A 58 8.01 -0.13 8.39
C GLU A 58 7.52 1.24 7.93
N LEU A 59 6.24 1.28 7.58
CA LEU A 59 5.61 2.49 7.11
C LEU A 59 4.94 3.21 8.28
N THR A 60 4.74 4.50 8.13
CA THR A 60 4.10 5.30 9.18
C THR A 60 2.77 5.81 8.67
N ILE A 61 1.67 5.33 9.24
CA ILE A 61 0.37 5.77 8.82
C ILE A 61 -0.04 7.03 9.56
N GLY A 62 0.13 8.15 8.89
CA GLY A 62 -0.18 9.44 9.48
C GLY A 62 0.97 10.43 9.29
N SER A 63 1.82 10.16 8.29
CA SER A 63 2.95 11.03 8.00
C SER A 63 2.70 11.86 6.75
N ASN A 64 1.73 11.45 5.94
CA ASN A 64 1.38 12.18 4.71
C ASN A 64 2.41 11.91 3.61
N SER A 65 3.13 10.79 3.73
CA SER A 65 4.14 10.42 2.73
C SER A 65 3.59 9.41 1.73
N PHE A 66 2.57 8.65 2.15
CA PHE A 66 1.96 7.65 1.28
C PHE A 66 0.77 8.25 0.53
N ILE A 67 0.56 7.76 -0.70
CA ILE A 67 -0.56 8.25 -1.52
C ILE A 67 -1.88 8.10 -0.78
N LYS A 68 -2.92 8.77 -1.29
CA LYS A 68 -4.24 8.72 -0.68
C LYS A 68 -5.00 7.48 -1.15
N GLY A 69 -5.36 6.62 -0.22
CA GLY A 69 -6.09 5.41 -0.55
C GLY A 69 -5.36 4.16 -0.15
N PHE A 70 -4.03 4.24 -0.12
CA PHE A 70 -3.20 3.10 0.26
C PHE A 70 -3.13 2.94 1.78
N GLU A 71 -2.42 3.87 2.43
CA GLU A 71 -2.28 3.85 3.89
C GLU A 71 -3.62 3.58 4.56
N THR A 72 -4.68 4.18 4.01
CA THR A 72 -6.03 4.02 4.57
C THR A 72 -6.50 2.58 4.48
N GLY A 73 -6.09 1.87 3.44
CA GLY A 73 -6.50 0.49 3.27
C GLY A 73 -5.88 -0.45 4.29
N LEU A 74 -4.70 -0.09 4.80
CA LEU A 74 -4.04 -0.91 5.81
C LEU A 74 -4.43 -0.49 7.22
N ILE A 75 -4.66 0.80 7.42
CA ILE A 75 -5.00 1.32 8.75
C ILE A 75 -6.40 0.90 9.19
N ALA A 76 -7.33 0.86 8.26
CA ALA A 76 -8.71 0.51 8.55
C ALA A 76 -8.88 -0.96 8.92
N MET A 77 -7.90 -1.79 8.61
CA MET A 77 -7.98 -3.22 8.94
C MET A 77 -7.03 -3.59 10.08
N LYS A 78 -7.15 -4.82 10.56
CA LYS A 78 -6.30 -5.31 11.65
C LYS A 78 -4.90 -5.57 11.16
N VAL A 79 -4.11 -6.30 11.95
CA VAL A 79 -2.74 -6.63 11.59
C VAL A 79 -2.65 -8.08 11.14
N ASN A 80 -1.59 -8.42 10.41
CA ASN A 80 -1.41 -9.78 9.91
C ASN A 80 -2.50 -10.13 8.90
N GLN A 81 -3.15 -9.12 8.36
CA GLN A 81 -4.22 -9.33 7.38
C GLN A 81 -3.74 -9.06 5.95
N LYS A 82 -3.93 -10.03 5.06
CA LYS A 82 -3.51 -9.89 3.68
C LYS A 82 -4.62 -9.26 2.84
N LYS A 83 -4.55 -7.95 2.68
CA LYS A 83 -5.55 -7.22 1.91
C LYS A 83 -5.07 -6.94 0.49
N THR A 84 -5.50 -7.77 -0.45
CA THR A 84 -5.11 -7.61 -1.85
C THR A 84 -6.03 -6.62 -2.56
N LEU A 85 -5.81 -5.33 -2.31
CA LEU A 85 -6.63 -4.28 -2.91
C LEU A 85 -6.03 -3.79 -4.23
N ALA A 86 -6.90 -3.62 -5.23
CA ALA A 86 -6.47 -3.14 -6.54
C ALA A 86 -6.48 -1.61 -6.60
N LEU A 87 -5.42 -1.00 -6.09
CA LEU A 87 -5.33 0.46 -6.05
C LEU A 87 -4.67 1.03 -7.31
N THR A 88 -4.96 2.30 -7.58
CA THR A 88 -4.40 2.99 -8.72
C THR A 88 -3.15 3.75 -8.29
N PHE A 89 -2.48 4.38 -9.25
CA PHE A 89 -1.27 5.14 -8.96
C PHE A 89 -1.44 6.59 -9.43
N PRO A 90 -1.48 7.55 -8.48
CA PRO A 90 -1.66 8.98 -8.82
C PRO A 90 -0.39 9.65 -9.34
N SER A 91 -0.58 10.78 -10.00
CA SER A 91 0.54 11.54 -10.56
C SER A 91 1.50 11.99 -9.45
N ASP A 92 0.92 12.27 -8.28
CA ASP A 92 1.70 12.72 -7.13
C ASP A 92 2.97 11.89 -6.94
N TYR A 93 2.93 10.62 -7.36
CA TYR A 93 4.08 9.73 -7.24
C TYR A 93 5.31 10.32 -7.91
N HIS A 94 6.47 10.13 -7.29
CA HIS A 94 7.72 10.65 -7.82
C HIS A 94 8.08 10.03 -9.17
N VAL A 95 7.48 8.88 -9.48
CA VAL A 95 7.76 8.21 -10.75
C VAL A 95 6.67 8.51 -11.78
N LYS A 96 7.11 8.90 -12.97
CA LYS A 96 6.21 9.22 -14.06
C LYS A 96 5.23 8.07 -14.33
N GLU A 97 5.73 6.86 -14.28
CA GLU A 97 4.92 5.67 -14.54
C GLU A 97 3.76 5.51 -13.56
N LEU A 98 4.03 5.69 -12.27
CA LEU A 98 3.00 5.53 -11.26
C LEU A 98 2.11 6.75 -11.16
N GLN A 99 2.01 7.49 -12.25
CA GLN A 99 1.14 8.65 -12.30
C GLN A 99 -0.26 8.17 -12.64
N SER A 100 -0.33 7.14 -13.49
CA SER A 100 -1.60 6.56 -13.90
C SER A 100 -1.49 5.04 -14.00
N LYS A 101 -1.20 4.38 -12.88
CA LYS A 101 -1.03 2.92 -12.89
C LYS A 101 -2.00 2.19 -11.95
N PRO A 102 -3.07 1.60 -12.51
CA PRO A 102 -4.04 0.81 -11.73
C PRO A 102 -3.43 -0.52 -11.34
N VAL A 103 -2.77 -0.56 -10.18
CA VAL A 103 -2.08 -1.76 -9.72
C VAL A 103 -2.87 -2.56 -8.67
N THR A 104 -2.44 -3.81 -8.50
CA THR A 104 -3.02 -4.70 -7.51
C THR A 104 -2.05 -4.83 -6.35
N PHE A 105 -2.41 -4.22 -5.22
CA PHE A 105 -1.55 -4.24 -4.05
C PHE A 105 -1.90 -5.38 -3.10
N GLU A 106 -0.92 -6.24 -2.86
CA GLU A 106 -1.09 -7.33 -1.91
C GLU A 106 -0.44 -6.88 -0.61
N VAL A 107 -1.20 -6.12 0.17
CA VAL A 107 -0.69 -5.57 1.43
C VAL A 107 -0.96 -6.48 2.61
N VAL A 108 0.09 -7.11 3.11
CA VAL A 108 -0.01 -7.97 4.27
C VAL A 108 0.05 -7.07 5.50
N LEU A 109 -1.13 -6.58 5.89
CA LEU A 109 -1.29 -5.65 6.99
C LEU A 109 -0.55 -6.01 8.27
N LYS A 110 0.77 -5.80 8.32
CA LYS A 110 1.52 -6.06 9.53
C LYS A 110 1.84 -4.69 10.14
N ALA A 111 1.56 -4.47 11.42
CA ALA A 111 1.78 -3.14 11.97
C ALA A 111 2.52 -3.09 13.31
N ILE A 112 3.54 -2.24 13.34
CA ILE A 112 4.36 -2.02 14.51
C ILE A 112 4.10 -0.60 15.04
N LYS A 113 3.86 -0.43 16.33
CA LYS A 113 3.60 0.91 16.85
C LYS A 113 4.85 1.49 17.52
N LYS A 29 -11.90 1.07 12.42
CA LYS A 29 -11.19 1.77 11.36
C LYS A 29 -9.96 2.48 11.90
N LEU A 30 -8.79 1.93 11.59
CA LEU A 30 -7.52 2.52 12.03
C LEU A 30 -7.14 3.67 11.10
N ALA A 31 -7.51 4.89 11.48
CA ALA A 31 -7.21 6.06 10.67
C ALA A 31 -5.76 6.52 10.84
N ASN A 32 -5.50 7.75 10.41
CA ASN A 32 -4.17 8.34 10.47
C ASN A 32 -3.54 8.24 11.87
N GLY A 33 -2.40 8.91 12.03
CA GLY A 33 -1.70 8.93 13.31
C GLY A 33 -1.29 7.56 13.82
N ASP A 34 -1.43 6.54 12.99
CA ASP A 34 -1.06 5.18 13.38
C ASP A 34 0.01 4.62 12.44
N ILE A 35 0.62 3.50 12.84
CA ILE A 35 1.63 2.85 12.02
C ILE A 35 1.03 1.59 11.41
N ALA A 36 0.98 1.51 10.09
CA ALA A 36 0.39 0.35 9.44
C ALA A 36 1.43 -0.57 8.82
N ILE A 37 1.69 -1.71 9.46
CA ILE A 37 2.62 -2.70 8.91
C ILE A 37 1.86 -3.51 7.88
N ILE A 38 1.78 -2.95 6.68
CA ILE A 38 1.01 -3.58 5.62
C ILE A 38 1.86 -4.39 4.65
N ASP A 39 1.47 -5.64 4.45
CA ASP A 39 2.15 -6.52 3.50
C ASP A 39 1.49 -6.32 2.15
N PHE A 40 1.94 -5.31 1.45
CA PHE A 40 1.38 -4.97 0.15
C PHE A 40 2.17 -5.54 -1.02
N THR A 41 1.55 -6.45 -1.75
CA THR A 41 2.19 -7.10 -2.89
C THR A 41 1.87 -6.37 -4.20
N GLY A 42 2.90 -5.85 -4.85
CA GLY A 42 2.74 -5.14 -6.11
C GLY A 42 2.33 -6.04 -7.27
N ILE A 43 1.06 -6.39 -7.33
CA ILE A 43 0.56 -7.24 -8.41
C ILE A 43 0.16 -6.39 -9.61
N VAL A 44 0.77 -6.66 -10.75
CA VAL A 44 0.47 -5.91 -11.96
C VAL A 44 -0.59 -6.62 -12.81
N ASP A 45 -1.84 -6.58 -12.36
CA ASP A 45 -2.94 -7.21 -13.07
C ASP A 45 -2.65 -8.68 -13.36
N ASN A 46 -2.80 -9.53 -12.33
CA ASN A 46 -2.55 -10.96 -12.44
C ASN A 46 -1.10 -11.31 -12.18
N LYS A 47 -0.19 -10.43 -12.56
CA LYS A 47 1.22 -10.69 -12.35
C LYS A 47 1.67 -10.16 -10.99
N LYS A 48 2.44 -10.95 -10.28
CA LYS A 48 2.93 -10.55 -8.96
C LYS A 48 4.46 -10.52 -8.94
N LEU A 49 5.03 -9.36 -9.26
CA LEU A 49 6.48 -9.21 -9.28
C LEU A 49 7.01 -8.80 -7.91
N ALA A 50 8.32 -8.62 -7.81
CA ALA A 50 8.96 -8.23 -6.56
C ALA A 50 9.07 -6.71 -6.43
N SER A 51 8.84 -6.00 -7.53
CA SER A 51 8.93 -4.54 -7.54
C SER A 51 8.17 -3.93 -6.36
N ALA A 52 6.87 -3.82 -6.48
CA ALA A 52 6.06 -3.25 -5.42
C ALA A 52 5.65 -4.31 -4.39
N SER A 53 6.44 -5.37 -4.27
CA SER A 53 6.15 -6.45 -3.34
C SER A 53 6.69 -6.15 -1.94
N ALA A 54 5.82 -5.64 -1.07
CA ALA A 54 6.21 -5.32 0.29
C ALA A 54 5.41 -6.11 1.30
N GLN A 55 6.11 -6.67 2.26
CA GLN A 55 5.49 -7.46 3.31
C GLN A 55 5.19 -6.59 4.53
N ASN A 56 5.52 -7.10 5.68
CA ASN A 56 5.31 -6.38 6.94
C ASN A 56 6.10 -5.08 6.90
N TYR A 57 5.58 -4.11 6.16
CA TYR A 57 6.22 -2.82 6.03
C TYR A 57 5.67 -1.83 7.04
N GLU A 58 6.42 -1.60 8.11
CA GLU A 58 6.00 -0.68 9.15
C GLU A 58 5.82 0.72 8.58
N LEU A 59 4.62 0.97 8.08
CA LEU A 59 4.29 2.26 7.49
C LEU A 59 3.61 3.14 8.52
N THR A 60 3.73 4.44 8.36
CA THR A 60 3.09 5.38 9.27
C THR A 60 1.95 6.06 8.53
N ILE A 61 0.71 5.79 8.93
CA ILE A 61 -0.42 6.40 8.28
C ILE A 61 -0.73 7.74 8.90
N GLY A 62 -0.29 8.79 8.21
CA GLY A 62 -0.48 10.14 8.69
C GLY A 62 0.83 10.92 8.67
N SER A 63 1.79 10.45 7.87
CA SER A 63 3.09 11.09 7.76
C SER A 63 3.21 11.85 6.44
N ASN A 64 2.44 11.43 5.44
CA ASN A 64 2.45 12.07 4.13
C ASN A 64 3.67 11.63 3.30
N SER A 65 4.20 10.46 3.63
CA SER A 65 5.37 9.94 2.91
C SER A 65 4.95 8.97 1.80
N PHE A 66 3.77 8.39 1.94
CA PHE A 66 3.26 7.45 0.93
C PHE A 66 2.34 8.17 -0.05
N ILE A 67 2.20 7.61 -1.24
CA ILE A 67 1.35 8.21 -2.27
C ILE A 67 -0.06 8.42 -1.74
N LYS A 68 -0.81 9.31 -2.40
CA LYS A 68 -2.19 9.59 -1.98
C LYS A 68 -3.14 8.51 -2.48
N GLY A 69 -3.81 7.85 -1.54
CA GLY A 69 -4.75 6.79 -1.90
C GLY A 69 -4.34 5.46 -1.32
N PHE A 70 -3.04 5.30 -1.06
CA PHE A 70 -2.51 4.07 -0.51
C PHE A 70 -2.75 3.99 1.00
N GLU A 71 -1.96 4.76 1.76
CA GLU A 71 -2.08 4.78 3.22
C GLU A 71 -3.55 4.87 3.64
N THR A 72 -4.35 5.56 2.83
CA THR A 72 -5.77 5.74 3.12
C THR A 72 -6.57 4.43 2.97
N GLY A 73 -6.18 3.60 2.02
CA GLY A 73 -6.89 2.34 1.81
C GLY A 73 -6.67 1.34 2.93
N LEU A 74 -5.54 1.44 3.60
CA LEU A 74 -5.23 0.53 4.71
C LEU A 74 -5.77 1.06 6.04
N ILE A 75 -5.83 2.39 6.18
CA ILE A 75 -6.33 2.99 7.41
C ILE A 75 -7.83 2.79 7.59
N ALA A 76 -8.58 3.02 6.53
CA ALA A 76 -10.03 2.89 6.56
C ALA A 76 -10.50 1.52 7.05
N MET A 77 -9.62 0.52 6.96
CA MET A 77 -9.99 -0.82 7.42
C MET A 77 -9.24 -1.19 8.70
N LYS A 78 -9.61 -2.32 9.30
CA LYS A 78 -8.98 -2.78 10.53
C LYS A 78 -7.63 -3.45 10.24
N VAL A 79 -7.17 -4.31 11.14
CA VAL A 79 -5.91 -5.00 10.96
C VAL A 79 -6.14 -6.45 10.57
N ASN A 80 -5.12 -7.09 10.02
CA ASN A 80 -5.21 -8.48 9.59
C ASN A 80 -6.17 -8.63 8.41
N GLN A 81 -6.43 -7.53 7.72
CA GLN A 81 -7.34 -7.55 6.58
C GLN A 81 -6.57 -7.53 5.26
N LYS A 82 -6.84 -8.50 4.40
CA LYS A 82 -6.18 -8.58 3.10
C LYS A 82 -6.95 -7.79 2.05
N LYS A 83 -6.59 -6.53 1.88
CA LYS A 83 -7.26 -5.67 0.92
C LYS A 83 -6.49 -5.59 -0.41
N THR A 84 -6.90 -6.41 -1.37
CA THR A 84 -6.27 -6.42 -2.67
C THR A 84 -6.86 -5.35 -3.58
N LEU A 85 -6.51 -4.09 -3.31
CA LEU A 85 -7.03 -2.96 -4.07
C LEU A 85 -6.13 -2.64 -5.27
N ALA A 86 -6.76 -2.22 -6.36
CA ALA A 86 -6.02 -1.87 -7.58
C ALA A 86 -5.62 -0.40 -7.54
N LEU A 87 -4.48 -0.12 -6.91
CA LEU A 87 -3.99 1.26 -6.78
C LEU A 87 -3.14 1.68 -7.97
N THR A 88 -3.19 2.95 -8.30
CA THR A 88 -2.41 3.50 -9.40
C THR A 88 -1.05 3.96 -8.88
N PHE A 89 -0.19 4.39 -9.79
CA PHE A 89 1.14 4.85 -9.42
C PHE A 89 1.34 6.29 -9.89
N PRO A 90 1.42 7.26 -8.95
CA PRO A 90 1.60 8.67 -9.28
C PRO A 90 3.03 9.03 -9.66
N SER A 91 3.20 10.20 -10.28
CA SER A 91 4.51 10.68 -10.71
C SER A 91 5.45 10.82 -9.51
N ASP A 92 4.90 11.26 -8.38
CA ASP A 92 5.68 11.46 -7.17
C ASP A 92 6.64 10.31 -6.90
N TYR A 93 6.28 9.11 -7.37
CA TYR A 93 7.12 7.94 -7.16
C TYR A 93 8.54 8.18 -7.67
N HIS A 94 9.52 7.77 -6.89
CA HIS A 94 10.93 7.95 -7.25
C HIS A 94 11.27 7.27 -8.56
N VAL A 95 10.45 6.31 -8.98
CA VAL A 95 10.69 5.59 -10.22
C VAL A 95 9.82 6.15 -11.36
N LYS A 96 10.48 6.43 -12.47
CA LYS A 96 9.81 6.98 -13.65
C LYS A 96 8.60 6.14 -14.08
N GLU A 97 8.76 4.82 -14.05
CA GLU A 97 7.68 3.93 -14.47
C GLU A 97 6.42 4.03 -13.59
N LEU A 98 6.61 4.10 -12.28
CA LEU A 98 5.47 4.19 -11.38
C LEU A 98 4.92 5.60 -11.31
N GLN A 99 5.10 6.34 -12.40
CA GLN A 99 4.57 7.67 -12.50
C GLN A 99 3.12 7.58 -12.96
N SER A 100 2.88 6.63 -13.85
CA SER A 100 1.54 6.39 -14.38
C SER A 100 1.28 4.89 -14.55
N LYS A 101 1.39 4.14 -13.46
CA LYS A 101 1.20 2.69 -13.53
C LYS A 101 0.07 2.18 -12.62
N PRO A 102 -1.09 1.81 -13.21
CA PRO A 102 -2.22 1.26 -12.46
C PRO A 102 -1.92 -0.16 -11.99
N VAL A 103 -1.40 -0.28 -10.78
CA VAL A 103 -1.01 -1.59 -10.23
C VAL A 103 -2.05 -2.17 -9.27
N THR A 104 -1.94 -3.47 -9.05
CA THR A 104 -2.82 -4.18 -8.13
C THR A 104 -2.06 -4.46 -6.84
N PHE A 105 -2.38 -3.70 -5.80
CA PHE A 105 -1.71 -3.85 -4.52
C PHE A 105 -2.42 -4.83 -3.61
N GLU A 106 -1.69 -5.85 -3.16
CA GLU A 106 -2.23 -6.82 -2.23
C GLU A 106 -1.75 -6.41 -0.85
N VAL A 107 -2.47 -5.48 -0.23
CA VAL A 107 -2.10 -4.96 1.07
C VAL A 107 -2.73 -5.72 2.21
N VAL A 108 -1.91 -6.46 2.95
CA VAL A 108 -2.37 -7.21 4.09
C VAL A 108 -2.37 -6.28 5.30
N LEU A 109 -3.50 -5.63 5.52
CA LEU A 109 -3.65 -4.63 6.58
C LEU A 109 -3.18 -5.06 7.97
N LYS A 110 -1.87 -5.07 8.20
CA LYS A 110 -1.34 -5.39 9.52
C LYS A 110 -0.90 -4.07 10.13
N ALA A 111 -1.36 -3.72 11.33
CA ALA A 111 -1.00 -2.41 11.88
C ALA A 111 -0.53 -2.41 13.32
N ILE A 112 0.60 -1.74 13.51
CA ILE A 112 1.21 -1.56 14.82
C ILE A 112 1.16 -0.08 15.22
N LYS A 113 0.81 0.24 16.44
CA LYS A 113 0.73 1.64 16.84
C LYS A 113 1.96 2.05 17.64
N LYS A 29 -12.42 -3.55 11.96
CA LYS A 29 -11.71 -2.96 10.84
C LYS A 29 -10.53 -2.12 11.32
N LEU A 30 -9.38 -2.29 10.68
CA LEU A 30 -8.19 -1.55 11.03
C LEU A 30 -8.18 -0.20 10.33
N ALA A 31 -8.84 0.78 10.92
CA ALA A 31 -8.91 2.12 10.33
C ALA A 31 -7.66 2.94 10.62
N ASN A 32 -7.73 4.23 10.31
CA ASN A 32 -6.60 5.15 10.49
C ASN A 32 -6.00 5.04 11.90
N GLY A 33 -5.05 5.92 12.19
CA GLY A 33 -4.39 5.96 13.49
C GLY A 33 -3.71 4.66 13.88
N ASP A 34 -3.59 3.74 12.94
CA ASP A 34 -2.95 2.45 13.20
C ASP A 34 -1.75 2.25 12.28
N ILE A 35 -0.91 1.26 12.60
CA ILE A 35 0.25 0.96 11.79
C ILE A 35 -0.01 -0.32 11.00
N ALA A 36 0.02 -0.25 9.68
CA ALA A 36 -0.27 -1.42 8.88
C ALA A 36 0.98 -2.01 8.23
N ILE A 37 1.52 -3.08 8.82
CA ILE A 37 2.68 -3.74 8.24
C ILE A 37 2.21 -4.58 7.05
N ILE A 38 2.04 -3.91 5.93
CA ILE A 38 1.50 -4.55 4.73
C ILE A 38 2.56 -4.97 3.73
N ASP A 39 2.53 -6.24 3.33
CA ASP A 39 3.45 -6.76 2.32
C ASP A 39 2.83 -6.51 0.96
N PHE A 40 3.13 -5.35 0.40
CA PHE A 40 2.56 -4.97 -0.89
C PHE A 40 3.55 -5.16 -2.04
N THR A 41 3.26 -6.11 -2.92
CA THR A 41 4.12 -6.40 -4.06
C THR A 41 3.73 -5.59 -5.30
N GLY A 42 4.71 -4.90 -5.87
CA GLY A 42 4.48 -4.08 -7.05
C GLY A 42 4.39 -4.87 -8.34
N ILE A 43 3.24 -5.47 -8.60
CA ILE A 43 3.05 -6.24 -9.83
C ILE A 43 2.55 -5.34 -10.95
N VAL A 44 3.32 -5.25 -12.02
CA VAL A 44 2.95 -4.41 -13.15
C VAL A 44 2.23 -5.21 -14.24
N ASP A 45 0.96 -5.51 -14.00
CA ASP A 45 0.16 -6.26 -14.95
C ASP A 45 0.83 -7.59 -15.33
N ASN A 46 0.73 -8.57 -14.43
CA ASN A 46 1.33 -9.90 -14.64
C ASN A 46 2.78 -9.94 -14.25
N LYS A 47 3.49 -8.84 -14.42
CA LYS A 47 4.90 -8.81 -14.07
C LYS A 47 5.07 -8.40 -12.61
N LYS A 48 5.92 -9.12 -11.90
CA LYS A 48 6.18 -8.83 -10.48
C LYS A 48 7.65 -8.49 -10.27
N LEU A 49 7.99 -7.21 -10.41
CA LEU A 49 9.37 -6.75 -10.22
C LEU A 49 9.64 -6.42 -8.75
N ALA A 50 10.87 -5.98 -8.47
CA ALA A 50 11.26 -5.63 -7.11
C ALA A 50 11.01 -4.14 -6.82
N SER A 51 10.75 -3.37 -7.87
CA SER A 51 10.49 -1.93 -7.72
C SER A 51 9.50 -1.67 -6.60
N ALA A 52 8.22 -1.86 -6.91
CA ALA A 52 7.18 -1.62 -5.92
C ALA A 52 6.94 -2.85 -5.04
N SER A 53 7.95 -3.71 -4.92
CA SER A 53 7.84 -4.92 -4.11
C SER A 53 8.15 -4.66 -2.65
N ALA A 54 7.11 -4.52 -1.84
CA ALA A 54 7.27 -4.28 -0.42
C ALA A 54 6.72 -5.42 0.41
N GLN A 55 7.53 -5.88 1.33
CA GLN A 55 7.15 -6.96 2.22
C GLN A 55 6.49 -6.40 3.46
N ASN A 56 6.77 -7.01 4.59
CA ASN A 56 6.23 -6.54 5.87
C ASN A 56 6.71 -5.12 6.10
N TYR A 57 6.03 -4.17 5.46
CA TYR A 57 6.39 -2.76 5.57
C TYR A 57 5.55 -2.06 6.64
N GLU A 58 6.18 -1.82 7.78
CA GLU A 58 5.50 -1.15 8.89
C GLU A 58 5.05 0.23 8.46
N LEU A 59 3.85 0.28 7.90
CA LEU A 59 3.27 1.53 7.43
C LEU A 59 2.35 2.08 8.50
N THR A 60 2.13 3.38 8.46
CA THR A 60 1.26 4.05 9.42
C THR A 60 0.03 4.57 8.71
N ILE A 61 -1.13 4.00 8.98
CA ILE A 61 -2.35 4.45 8.32
C ILE A 61 -2.98 5.60 9.10
N GLY A 62 -2.73 6.80 8.60
CA GLY A 62 -3.23 7.99 9.25
C GLY A 62 -2.13 9.03 9.44
N SER A 63 -1.07 8.91 8.66
CA SER A 63 0.07 9.83 8.74
C SER A 63 0.08 10.80 7.56
N ASN A 64 -0.76 10.53 6.55
CA ASN A 64 -0.84 11.38 5.38
C ASN A 64 0.43 11.29 4.53
N SER A 65 1.18 10.20 4.70
CA SER A 65 2.41 10.00 3.96
C SER A 65 2.20 9.11 2.73
N PHE A 66 1.16 8.28 2.77
CA PHE A 66 0.86 7.38 1.67
C PHE A 66 -0.17 8.01 0.72
N ILE A 67 -0.14 7.61 -0.54
CA ILE A 67 -1.06 8.14 -1.54
C ILE A 67 -2.51 7.87 -1.14
N LYS A 68 -3.44 8.57 -1.79
CA LYS A 68 -4.86 8.41 -1.51
C LYS A 68 -5.42 7.17 -2.22
N GLY A 69 -6.03 6.29 -1.45
CA GLY A 69 -6.58 5.07 -2.02
C GLY A 69 -5.81 3.84 -1.59
N PHE A 70 -4.54 4.05 -1.25
CA PHE A 70 -3.67 2.97 -0.82
C PHE A 70 -3.99 2.54 0.61
N GLU A 71 -3.57 3.36 1.57
CA GLU A 71 -3.81 3.08 2.98
C GLU A 71 -5.27 2.75 3.24
N THR A 72 -6.17 3.38 2.46
CA THR A 72 -7.60 3.16 2.61
C THR A 72 -7.99 1.72 2.29
N GLY A 73 -7.36 1.14 1.28
CA GLY A 73 -7.67 -0.23 0.89
C GLY A 73 -7.21 -1.26 1.90
N LEU A 74 -6.16 -0.92 2.65
CA LEU A 74 -5.64 -1.84 3.66
C LEU A 74 -6.34 -1.64 5.01
N ILE A 75 -6.67 -0.39 5.33
CA ILE A 75 -7.32 -0.06 6.59
C ILE A 75 -8.74 -0.63 6.69
N ALA A 76 -9.50 -0.47 5.61
CA ALA A 76 -10.89 -0.93 5.57
C ALA A 76 -11.02 -2.43 5.81
N MET A 77 -9.95 -3.18 5.62
CA MET A 77 -10.00 -4.62 5.84
C MET A 77 -9.24 -5.00 7.10
N LYS A 78 -9.33 -6.28 7.48
CA LYS A 78 -8.67 -6.78 8.68
C LYS A 78 -7.18 -7.00 8.42
N VAL A 79 -6.53 -7.83 9.23
CA VAL A 79 -5.12 -8.11 9.09
C VAL A 79 -4.93 -9.51 8.49
N ASN A 80 -3.75 -9.75 7.92
CA ASN A 80 -3.44 -11.04 7.31
C ASN A 80 -4.30 -11.27 6.06
N GLN A 81 -4.81 -10.18 5.48
CA GLN A 81 -5.64 -10.28 4.29
C GLN A 81 -4.84 -9.95 3.03
N LYS A 82 -4.92 -10.81 2.02
CA LYS A 82 -4.20 -10.61 0.77
C LYS A 82 -5.03 -9.78 -0.20
N LYS A 83 -4.78 -8.48 -0.23
CA LYS A 83 -5.51 -7.58 -1.10
C LYS A 83 -4.74 -7.29 -2.39
N THR A 84 -5.00 -8.06 -3.44
CA THR A 84 -4.34 -7.87 -4.72
C THR A 84 -5.06 -6.81 -5.53
N LEU A 85 -4.92 -5.56 -5.09
CA LEU A 85 -5.58 -4.43 -5.76
C LEU A 85 -4.66 -3.76 -6.78
N ALA A 86 -5.23 -3.43 -7.94
CA ALA A 86 -4.48 -2.76 -8.99
C ALA A 86 -4.51 -1.25 -8.82
N LEU A 87 -3.63 -0.73 -7.97
CA LEU A 87 -3.59 0.69 -7.69
C LEU A 87 -2.66 1.44 -8.62
N THR A 88 -3.07 2.63 -9.01
CA THR A 88 -2.28 3.49 -9.89
C THR A 88 -1.41 4.41 -9.05
N PHE A 89 -0.48 5.11 -9.69
CA PHE A 89 0.39 6.02 -8.96
C PHE A 89 0.35 7.42 -9.58
N PRO A 90 0.10 8.45 -8.74
CA PRO A 90 0.02 9.84 -9.20
C PRO A 90 1.40 10.48 -9.43
N SER A 91 1.39 11.69 -9.97
CA SER A 91 2.62 12.42 -10.24
C SER A 91 3.41 12.70 -8.96
N ASP A 92 2.69 13.01 -7.89
CA ASP A 92 3.33 13.31 -6.61
C ASP A 92 4.41 12.31 -6.25
N TYR A 93 4.28 11.07 -6.76
CA TYR A 93 5.27 10.03 -6.48
C TYR A 93 6.68 10.53 -6.77
N HIS A 94 7.60 10.23 -5.85
CA HIS A 94 8.99 10.64 -5.99
C HIS A 94 9.58 10.20 -7.33
N VAL A 95 9.04 9.12 -7.90
CA VAL A 95 9.53 8.61 -9.17
C VAL A 95 8.66 9.07 -10.34
N LYS A 96 9.32 9.71 -11.29
CA LYS A 96 8.64 10.22 -12.48
C LYS A 96 7.78 9.14 -13.14
N GLU A 97 8.33 7.93 -13.20
CA GLU A 97 7.63 6.81 -13.83
C GLU A 97 6.25 6.55 -13.22
N LEU A 98 6.21 6.42 -11.91
CA LEU A 98 4.96 6.14 -11.22
C LEU A 98 4.03 7.34 -11.20
N GLN A 99 4.42 8.41 -11.89
CA GLN A 99 3.57 9.59 -11.96
C GLN A 99 2.21 9.18 -12.50
N SER A 100 2.23 8.30 -13.50
CA SER A 100 1.01 7.81 -14.12
C SER A 100 1.15 6.32 -14.44
N LYS A 101 1.35 5.50 -13.41
CA LYS A 101 1.54 4.07 -13.61
C LYS A 101 0.49 3.21 -12.90
N PRO A 102 -0.52 2.71 -13.63
CA PRO A 102 -1.54 1.83 -13.05
C PRO A 102 -0.93 0.48 -12.73
N VAL A 103 -0.44 0.33 -11.50
CA VAL A 103 0.23 -0.89 -11.07
C VAL A 103 -0.69 -1.85 -10.31
N THR A 104 -0.30 -3.12 -10.31
CA THR A 104 -1.01 -4.17 -9.59
C THR A 104 -0.29 -4.44 -8.28
N PHE A 105 -0.81 -3.88 -7.21
CA PHE A 105 -0.22 -4.03 -5.89
C PHE A 105 -0.93 -5.09 -5.07
N GLU A 106 -0.21 -6.15 -4.72
CA GLU A 106 -0.78 -7.19 -3.87
C GLU A 106 -0.36 -6.89 -2.44
N VAL A 107 -1.25 -6.22 -1.71
CA VAL A 107 -0.96 -5.82 -0.35
C VAL A 107 -1.42 -6.86 0.66
N VAL A 108 -0.46 -7.45 1.36
CA VAL A 108 -0.76 -8.43 2.39
C VAL A 108 -1.08 -7.67 3.68
N LEU A 109 -2.36 -7.34 3.82
CA LEU A 109 -2.86 -6.56 4.94
C LEU A 109 -2.41 -7.06 6.32
N LYS A 110 -1.14 -6.86 6.68
CA LYS A 110 -0.68 -7.24 7.99
C LYS A 110 -0.53 -5.95 8.78
N ALA A 111 -1.03 -5.88 10.02
CA ALA A 111 -0.95 -4.60 10.72
C ALA A 111 -0.61 -4.69 12.20
N ILE A 112 0.34 -3.84 12.59
CA ILE A 112 0.79 -3.73 13.97
C ILE A 112 0.35 -2.38 14.54
N LYS A 113 -0.18 -2.33 15.76
CA LYS A 113 -0.63 -1.06 16.30
C LYS A 113 0.41 -0.49 17.27
N LYS A 29 -11.83 -0.59 12.95
CA LYS A 29 -11.24 -0.02 11.74
C LYS A 29 -9.97 0.75 12.07
N LEU A 30 -8.86 0.40 11.41
CA LEU A 30 -7.59 1.07 11.64
C LEU A 30 -7.50 2.31 10.76
N ALA A 31 -8.08 3.41 11.22
CA ALA A 31 -8.06 4.65 10.46
C ALA A 31 -6.71 5.37 10.58
N ASN A 32 -6.67 6.61 10.11
CA ASN A 32 -5.45 7.42 10.14
C ASN A 32 -4.79 7.43 11.52
N GLY A 33 -3.74 8.24 11.65
CA GLY A 33 -3.02 8.37 12.91
C GLY A 33 -2.43 7.07 13.42
N ASP A 34 -2.45 6.03 12.59
CA ASP A 34 -1.92 4.73 12.98
C ASP A 34 -0.79 4.30 12.05
N ILE A 35 -0.07 3.25 12.43
CA ILE A 35 1.02 2.72 11.61
C ILE A 35 0.57 1.40 11.00
N ALA A 36 0.55 1.31 9.67
CA ALA A 36 0.09 0.10 9.01
C ALA A 36 1.24 -0.73 8.41
N ILE A 37 1.58 -1.83 9.05
CA ILE A 37 2.62 -2.72 8.54
C ILE A 37 1.99 -3.64 7.50
N ILE A 38 1.77 -3.11 6.31
CA ILE A 38 1.11 -3.86 5.27
C ILE A 38 2.07 -4.49 4.28
N ASP A 39 1.84 -5.78 3.99
CA ASP A 39 2.66 -6.50 3.01
C ASP A 39 2.00 -6.33 1.67
N PHE A 40 2.34 -5.24 1.01
CA PHE A 40 1.75 -4.92 -0.29
C PHE A 40 2.62 -5.35 -1.46
N THR A 41 2.09 -6.26 -2.28
CA THR A 41 2.80 -6.77 -3.44
C THR A 41 2.47 -5.98 -4.70
N GLY A 42 3.47 -5.34 -5.29
CA GLY A 42 3.27 -4.57 -6.50
C GLY A 42 3.15 -5.44 -7.74
N ILE A 43 1.96 -6.00 -7.95
CA ILE A 43 1.73 -6.85 -9.11
C ILE A 43 1.28 -6.02 -10.30
N VAL A 44 2.08 -6.03 -11.36
CA VAL A 44 1.78 -5.28 -12.57
C VAL A 44 0.97 -6.11 -13.56
N ASP A 45 -0.33 -6.24 -13.30
CA ASP A 45 -1.22 -6.99 -14.17
C ASP A 45 -0.72 -8.42 -14.39
N ASN A 46 -0.92 -9.28 -13.38
CA ASN A 46 -0.49 -10.68 -13.44
C ASN A 46 0.97 -10.83 -13.07
N LYS A 47 1.80 -9.86 -13.41
CA LYS A 47 3.20 -9.94 -13.09
C LYS A 47 3.48 -9.34 -11.73
N LYS A 48 4.39 -9.96 -10.98
CA LYS A 48 4.74 -9.48 -9.65
C LYS A 48 6.23 -9.15 -9.57
N LEU A 49 6.55 -7.86 -9.65
CA LEU A 49 7.95 -7.42 -9.60
C LEU A 49 8.39 -7.14 -8.16
N ALA A 50 9.63 -6.69 -8.01
CA ALA A 50 10.18 -6.37 -6.70
C ALA A 50 10.02 -4.89 -6.37
N SER A 51 9.66 -4.08 -7.37
CA SER A 51 9.49 -2.65 -7.19
C SER A 51 8.49 -2.36 -6.08
N ALA A 52 7.21 -2.47 -6.39
CA ALA A 52 6.17 -2.18 -5.42
C ALA A 52 5.87 -3.39 -4.53
N SER A 53 6.82 -4.32 -4.43
CA SER A 53 6.64 -5.51 -3.63
C SER A 53 7.15 -5.31 -2.21
N ALA A 54 6.29 -4.83 -1.32
CA ALA A 54 6.68 -4.59 0.06
C ALA A 54 5.91 -5.50 1.01
N GLN A 55 6.64 -6.06 1.94
CA GLN A 55 6.08 -6.97 2.93
C GLN A 55 5.64 -6.19 4.17
N ASN A 56 5.99 -6.71 5.32
CA ASN A 56 5.67 -6.06 6.59
C ASN A 56 6.33 -4.69 6.63
N TYR A 57 5.76 -3.76 5.87
CA TYR A 57 6.27 -2.41 5.80
C TYR A 57 5.55 -1.53 6.80
N GLU A 58 6.28 -1.07 7.80
CA GLU A 58 5.72 -0.22 8.84
C GLU A 58 5.42 1.16 8.27
N LEU A 59 4.22 1.30 7.71
CA LEU A 59 3.79 2.56 7.13
C LEU A 59 2.99 3.34 8.16
N THR A 60 2.98 4.65 8.03
CA THR A 60 2.23 5.49 8.94
C THR A 60 1.04 6.07 8.20
N ILE A 61 -0.16 5.65 8.56
CA ILE A 61 -1.35 6.15 7.89
C ILE A 61 -1.81 7.44 8.53
N GLY A 62 -1.50 8.54 7.87
CA GLY A 62 -1.85 9.85 8.37
C GLY A 62 -0.64 10.78 8.37
N SER A 63 0.39 10.41 7.60
CA SER A 63 1.61 11.21 7.52
C SER A 63 1.67 11.99 6.21
N ASN A 64 0.91 11.52 5.21
CA ASN A 64 0.87 12.18 3.90
C ASN A 64 2.14 11.90 3.10
N SER A 65 2.81 10.79 3.41
CA SER A 65 4.04 10.43 2.71
C SER A 65 3.76 9.41 1.60
N PHE A 66 2.68 8.66 1.75
CA PHE A 66 2.30 7.66 0.76
C PHE A 66 1.31 8.23 -0.24
N ILE A 67 1.20 7.60 -1.41
CA ILE A 67 0.27 8.06 -2.44
C ILE A 67 -1.15 8.11 -1.91
N LYS A 68 -1.98 8.94 -2.53
CA LYS A 68 -3.37 9.08 -2.11
C LYS A 68 -4.23 7.94 -2.66
N GLY A 69 -4.77 7.13 -1.76
CA GLY A 69 -5.59 6.00 -2.16
C GLY A 69 -5.06 4.69 -1.61
N PHE A 70 -3.76 4.64 -1.38
CA PHE A 70 -3.12 3.44 -0.86
C PHE A 70 -3.33 3.33 0.65
N GLU A 71 -2.65 4.20 1.41
CA GLU A 71 -2.76 4.21 2.86
C GLU A 71 -4.22 4.09 3.30
N THR A 72 -5.10 4.79 2.58
CA THR A 72 -6.53 4.80 2.88
C THR A 72 -7.15 3.42 2.71
N GLY A 73 -6.83 2.74 1.61
CA GLY A 73 -7.39 1.43 1.37
C GLY A 73 -7.06 0.43 2.46
N LEU A 74 -5.98 0.69 3.19
CA LEU A 74 -5.57 -0.19 4.28
C LEU A 74 -6.18 0.25 5.62
N ILE A 75 -6.40 1.55 5.79
CA ILE A 75 -6.95 2.08 7.04
C ILE A 75 -8.45 1.80 7.19
N ALA A 76 -9.13 1.60 6.08
CA ALA A 76 -10.57 1.35 6.09
C ALA A 76 -10.93 -0.07 6.49
N MET A 77 -9.99 -1.01 6.34
CA MET A 77 -10.25 -2.39 6.70
C MET A 77 -9.51 -2.77 8.00
N LYS A 78 -9.72 -4.01 8.45
CA LYS A 78 -9.10 -4.49 9.68
C LYS A 78 -7.64 -4.86 9.44
N VAL A 79 -7.05 -5.61 10.37
CA VAL A 79 -5.66 -6.03 10.24
C VAL A 79 -5.60 -7.51 9.82
N ASN A 80 -4.44 -7.93 9.32
CA ASN A 80 -4.25 -9.30 8.88
C ASN A 80 -5.16 -9.60 7.68
N GLN A 81 -5.61 -8.55 7.00
CA GLN A 81 -6.49 -8.71 5.85
C GLN A 81 -5.71 -8.55 4.54
N LYS A 82 -5.79 -9.57 3.69
CA LYS A 82 -5.10 -9.54 2.40
C LYS A 82 -5.98 -8.91 1.33
N LYS A 83 -5.85 -7.60 1.17
CA LYS A 83 -6.64 -6.86 0.20
C LYS A 83 -5.87 -6.65 -1.11
N THR A 84 -6.18 -7.45 -2.11
CA THR A 84 -5.52 -7.33 -3.42
C THR A 84 -6.21 -6.29 -4.29
N LEU A 85 -5.95 -5.02 -3.98
CA LEU A 85 -6.56 -3.92 -4.71
C LEU A 85 -5.67 -3.47 -5.88
N ALA A 86 -6.28 -3.31 -7.05
CA ALA A 86 -5.56 -2.86 -8.24
C ALA A 86 -5.48 -1.34 -8.27
N LEU A 87 -4.50 -0.80 -7.57
CA LEU A 87 -4.33 0.66 -7.48
C LEU A 87 -3.46 1.21 -8.58
N THR A 88 -3.63 2.51 -8.85
CA THR A 88 -2.85 3.19 -9.86
C THR A 88 -1.62 3.82 -9.22
N PHE A 89 -0.73 4.36 -10.03
CA PHE A 89 0.47 5.01 -9.53
C PHE A 89 0.54 6.46 -9.98
N PRO A 90 0.51 7.41 -9.02
CA PRO A 90 0.55 8.85 -9.32
C PRO A 90 1.96 9.36 -9.58
N SER A 91 2.05 10.55 -10.18
CA SER A 91 3.33 11.16 -10.48
C SER A 91 4.12 11.41 -9.19
N ASP A 92 3.39 11.64 -8.11
CA ASP A 92 3.99 11.90 -6.81
C ASP A 92 5.12 10.93 -6.49
N TYR A 93 4.99 9.69 -6.95
CA TYR A 93 6.00 8.67 -6.70
C TYR A 93 7.38 9.14 -7.15
N HIS A 94 8.39 8.84 -6.34
CA HIS A 94 9.76 9.24 -6.64
C HIS A 94 10.26 8.68 -7.96
N VAL A 95 9.61 7.63 -8.46
CA VAL A 95 10.02 7.02 -9.72
C VAL A 95 9.15 7.50 -10.89
N LYS A 96 9.82 7.96 -11.93
CA LYS A 96 9.17 8.46 -13.14
C LYS A 96 8.13 7.46 -13.68
N GLU A 97 8.51 6.19 -13.74
CA GLU A 97 7.64 5.15 -14.27
C GLU A 97 6.34 5.00 -13.48
N LEU A 98 6.42 5.00 -12.16
CA LEU A 98 5.22 4.84 -11.34
C LEU A 98 4.47 6.15 -11.20
N GLN A 99 4.61 6.98 -12.21
CA GLN A 99 3.90 8.24 -12.23
C GLN A 99 2.50 7.99 -12.79
N SER A 100 2.43 7.04 -13.74
CA SER A 100 1.16 6.68 -14.36
C SER A 100 1.10 5.16 -14.58
N LYS A 101 1.21 4.39 -13.50
CA LYS A 101 1.20 2.93 -13.62
C LYS A 101 0.07 2.25 -12.84
N PRO A 102 -0.97 1.74 -13.55
CA PRO A 102 -2.08 1.01 -12.92
C PRO A 102 -1.58 -0.34 -12.41
N VAL A 103 -1.16 -0.38 -11.15
CA VAL A 103 -0.62 -1.61 -10.57
C VAL A 103 -1.61 -2.36 -9.69
N THR A 104 -1.29 -3.62 -9.44
CA THR A 104 -2.10 -4.49 -8.59
C THR A 104 -1.41 -4.65 -7.26
N PHE A 105 -1.94 -3.99 -6.23
CA PHE A 105 -1.35 -4.03 -4.91
C PHE A 105 -1.98 -5.10 -4.02
N GLU A 106 -1.17 -6.07 -3.62
CA GLU A 106 -1.62 -7.10 -2.70
C GLU A 106 -1.20 -6.67 -1.32
N VAL A 107 -2.01 -5.81 -0.70
CA VAL A 107 -1.69 -5.27 0.61
C VAL A 107 -2.23 -6.13 1.74
N VAL A 108 -1.34 -6.85 2.40
CA VAL A 108 -1.70 -7.67 3.53
C VAL A 108 -1.79 -6.77 4.76
N LEU A 109 -2.98 -6.20 4.94
CA LEU A 109 -3.25 -5.25 6.01
C LEU A 109 -2.79 -5.66 7.41
N LYS A 110 -1.48 -5.54 7.68
CA LYS A 110 -0.97 -5.80 9.01
C LYS A 110 -0.73 -4.44 9.64
N ALA A 111 -1.21 -4.19 10.85
CA ALA A 111 -1.06 -2.85 11.41
C ALA A 111 -0.60 -2.78 12.87
N ILE A 112 0.44 -1.98 13.07
CA ILE A 112 1.01 -1.74 14.39
C ILE A 112 0.75 -0.29 14.80
N LYS A 113 0.26 -0.04 16.00
CA LYS A 113 -0.02 1.33 16.41
C LYS A 113 1.10 1.85 17.32
N LYS A 29 -9.65 1.40 14.71
CA LYS A 29 -9.31 2.22 13.56
C LYS A 29 -7.93 2.85 13.72
N LEU A 30 -6.96 2.34 12.96
CA LEU A 30 -5.60 2.86 13.01
C LEU A 30 -5.46 4.06 12.09
N ALA A 31 -5.84 5.23 12.57
CA ALA A 31 -5.77 6.44 11.76
C ALA A 31 -4.35 7.01 11.72
N ASN A 32 -4.23 8.23 11.19
CA ASN A 32 -2.93 8.89 11.06
C ASN A 32 -2.11 8.84 12.34
N GLY A 33 -0.93 9.48 12.30
CA GLY A 33 -0.05 9.55 13.45
C GLY A 33 0.38 8.19 13.98
N ASP A 34 0.10 7.13 13.23
CA ASP A 34 0.47 5.78 13.65
C ASP A 34 1.40 5.13 12.63
N ILE A 35 2.05 4.04 13.03
CA ILE A 35 2.95 3.32 12.13
C ILE A 35 2.27 2.02 11.70
N ALA A 36 2.05 1.83 10.42
CA ALA A 36 1.36 0.64 9.95
C ALA A 36 2.30 -0.38 9.29
N ILE A 37 2.60 -1.47 9.99
CA ILE A 37 3.42 -2.53 9.42
C ILE A 37 2.54 -3.34 8.47
N ILE A 38 2.38 -2.80 7.29
CA ILE A 38 1.50 -3.40 6.30
C ILE A 38 2.24 -4.28 5.29
N ASP A 39 1.82 -5.55 5.20
CA ASP A 39 2.40 -6.46 4.23
C ASP A 39 1.60 -6.33 2.95
N PHE A 40 1.97 -5.34 2.17
CA PHE A 40 1.26 -5.06 0.93
C PHE A 40 1.93 -5.68 -0.29
N THR A 41 1.22 -6.60 -0.94
CA THR A 41 1.73 -7.29 -2.11
C THR A 41 1.31 -6.58 -3.40
N GLY A 42 2.28 -6.19 -4.21
CA GLY A 42 1.99 -5.53 -5.47
C GLY A 42 1.42 -6.46 -6.52
N ILE A 43 0.14 -6.76 -6.42
CA ILE A 43 -0.51 -7.63 -7.40
C ILE A 43 -1.02 -6.83 -8.58
N VAL A 44 -0.52 -7.14 -9.76
CA VAL A 44 -0.94 -6.42 -10.96
C VAL A 44 -2.08 -7.16 -11.68
N ASP A 45 -3.28 -7.04 -11.13
CA ASP A 45 -4.45 -7.69 -11.70
C ASP A 45 -4.24 -9.18 -11.88
N ASN A 46 -4.35 -9.94 -10.78
CA ASN A 46 -4.16 -11.39 -10.79
C ASN A 46 -2.71 -11.79 -10.68
N LYS A 47 -1.82 -10.96 -11.23
CA LYS A 47 -0.40 -11.28 -11.17
C LYS A 47 0.22 -10.69 -9.91
N LYS A 48 1.07 -11.47 -9.25
CA LYS A 48 1.73 -11.01 -8.03
C LYS A 48 3.25 -11.01 -8.20
N LEU A 49 3.81 -9.87 -8.60
CA LEU A 49 5.24 -9.74 -8.79
C LEU A 49 5.94 -9.30 -7.50
N ALA A 50 7.26 -9.10 -7.57
CA ALA A 50 8.02 -8.68 -6.41
C ALA A 50 8.20 -7.16 -6.37
N SER A 51 7.85 -6.48 -7.47
CA SER A 51 7.97 -5.03 -7.54
C SER A 51 7.32 -4.36 -6.34
N ALA A 52 6.00 -4.23 -6.35
CA ALA A 52 5.29 -3.60 -5.26
C ALA A 52 4.99 -4.59 -4.13
N SER A 53 5.80 -5.64 -4.03
CA SER A 53 5.60 -6.66 -3.01
C SER A 53 6.30 -6.32 -1.71
N ALA A 54 5.54 -5.78 -0.76
CA ALA A 54 6.08 -5.41 0.54
C ALA A 54 5.41 -6.18 1.67
N GLN A 55 6.23 -6.71 2.55
CA GLN A 55 5.74 -7.48 3.69
C GLN A 55 5.53 -6.56 4.89
N ASN A 56 5.91 -7.06 6.05
CA ASN A 56 5.80 -6.29 7.28
C ASN A 56 6.63 -5.01 7.15
N TYR A 57 6.08 -4.06 6.40
CA TYR A 57 6.75 -2.79 6.18
C TYR A 57 6.28 -1.76 7.20
N GLU A 58 7.19 -1.37 8.08
CA GLU A 58 6.87 -0.38 9.11
C GLU A 58 6.70 0.99 8.48
N LEU A 59 5.48 1.26 8.03
CA LEU A 59 5.14 2.54 7.42
C LEU A 59 4.56 3.47 8.46
N THR A 60 4.69 4.77 8.23
CA THR A 60 4.14 5.76 9.14
C THR A 60 2.95 6.42 8.47
N ILE A 61 1.75 6.20 9.00
CA ILE A 61 0.57 6.80 8.40
C ILE A 61 0.33 8.18 9.00
N GLY A 62 0.66 9.18 8.20
CA GLY A 62 0.53 10.56 8.64
C GLY A 62 1.82 11.32 8.42
N SER A 63 2.68 10.78 7.55
CA SER A 63 3.95 11.41 7.24
C SER A 63 3.92 12.10 5.88
N ASN A 64 2.89 11.81 5.09
CA ASN A 64 2.72 12.40 3.76
C ASN A 64 3.82 11.93 2.81
N SER A 65 4.39 10.77 3.09
CA SER A 65 5.45 10.22 2.24
C SER A 65 4.90 9.22 1.23
N PHE A 66 3.72 8.66 1.53
CA PHE A 66 3.10 7.68 0.64
C PHE A 66 2.05 8.36 -0.25
N ILE A 67 1.78 7.76 -1.40
CA ILE A 67 0.79 8.30 -2.33
C ILE A 67 -0.58 8.43 -1.67
N LYS A 68 -1.48 9.17 -2.31
CA LYS A 68 -2.82 9.38 -1.80
C LYS A 68 -3.71 8.17 -2.10
N GLY A 69 -4.27 7.58 -1.05
CA GLY A 69 -5.13 6.41 -1.23
C GLY A 69 -4.50 5.15 -0.68
N PHE A 70 -3.18 5.14 -0.60
CA PHE A 70 -2.44 4.00 -0.10
C PHE A 70 -2.41 3.99 1.43
N GLU A 71 -1.51 4.77 2.02
CA GLU A 71 -1.39 4.87 3.47
C GLU A 71 -2.75 5.06 4.13
N THR A 72 -3.63 5.80 3.45
CA THR A 72 -4.97 6.09 3.95
C THR A 72 -5.84 4.84 4.04
N GLY A 73 -6.01 4.14 2.92
CA GLY A 73 -6.84 2.94 2.90
C GLY A 73 -6.47 1.94 3.98
N LEU A 74 -5.24 2.02 4.45
CA LEU A 74 -4.76 1.12 5.50
C LEU A 74 -5.11 1.68 6.89
N ILE A 75 -5.13 3.00 7.01
CA ILE A 75 -5.43 3.65 8.28
C ILE A 75 -6.90 3.47 8.70
N ALA A 76 -7.78 3.39 7.72
CA ALA A 76 -9.21 3.26 7.99
C ALA A 76 -9.58 1.86 8.49
N MET A 77 -8.67 0.90 8.35
CA MET A 77 -8.93 -0.46 8.81
C MET A 77 -8.12 -0.78 10.07
N LYS A 78 -8.59 -1.75 10.84
CA LYS A 78 -7.91 -2.16 12.07
C LYS A 78 -6.62 -2.89 11.73
N VAL A 79 -6.12 -3.69 12.66
CA VAL A 79 -4.88 -4.43 12.43
C VAL A 79 -5.19 -5.90 12.13
N ASN A 80 -4.24 -6.58 11.50
CA ASN A 80 -4.39 -7.99 11.15
C ASN A 80 -5.50 -8.17 10.11
N GLN A 81 -5.82 -7.09 9.39
CA GLN A 81 -6.86 -7.15 8.36
C GLN A 81 -6.24 -7.22 6.96
N LYS A 82 -6.86 -7.99 6.08
CA LYS A 82 -6.37 -8.12 4.71
C LYS A 82 -7.00 -7.07 3.80
N LYS A 83 -6.24 -6.03 3.50
CA LYS A 83 -6.71 -4.94 2.65
C LYS A 83 -6.28 -5.13 1.20
N THR A 84 -6.96 -6.03 0.50
CA THR A 84 -6.65 -6.29 -0.91
C THR A 84 -7.37 -5.30 -1.81
N LEU A 85 -6.96 -4.04 -1.74
CA LEU A 85 -7.57 -2.98 -2.54
C LEU A 85 -6.82 -2.76 -3.84
N ALA A 86 -7.56 -2.46 -4.90
CA ALA A 86 -6.96 -2.20 -6.21
C ALA A 86 -6.59 -0.73 -6.34
N LEU A 87 -5.41 -0.38 -5.86
CA LEU A 87 -4.95 1.01 -5.89
C LEU A 87 -4.23 1.34 -7.19
N THR A 88 -4.25 2.62 -7.54
CA THR A 88 -3.58 3.08 -8.75
C THR A 88 -2.18 3.55 -8.43
N PHE A 89 -1.42 3.90 -9.45
CA PHE A 89 -0.06 4.37 -9.27
C PHE A 89 0.08 5.78 -9.84
N PRO A 90 0.18 6.80 -8.97
CA PRO A 90 0.30 8.20 -9.41
C PRO A 90 1.71 8.57 -9.86
N SER A 91 1.81 9.69 -10.58
CA SER A 91 3.10 10.16 -11.07
C SER A 91 4.06 10.37 -9.90
N ASP A 92 3.51 10.75 -8.76
CA ASP A 92 4.30 10.99 -7.55
C ASP A 92 5.33 9.90 -7.32
N TYR A 93 4.98 8.66 -7.68
CA TYR A 93 5.89 7.54 -7.49
C TYR A 93 7.26 7.82 -8.10
N HIS A 94 8.31 7.44 -7.37
CA HIS A 94 9.68 7.66 -7.81
C HIS A 94 9.98 6.96 -9.14
N VAL A 95 9.19 5.93 -9.47
CA VAL A 95 9.41 5.20 -10.70
C VAL A 95 8.45 5.67 -11.81
N LYS A 96 9.03 5.91 -12.98
CA LYS A 96 8.29 6.39 -14.15
C LYS A 96 7.05 5.52 -14.42
N GLU A 97 7.25 4.21 -14.42
CA GLU A 97 6.15 3.28 -14.71
C GLU A 97 4.97 3.41 -13.75
N LEU A 98 5.25 3.54 -12.46
CA LEU A 98 4.18 3.65 -11.47
C LEU A 98 3.63 5.06 -11.41
N GLN A 99 3.71 5.75 -12.53
CA GLN A 99 3.16 7.08 -12.62
C GLN A 99 1.69 6.96 -12.98
N SER A 100 1.37 5.95 -13.79
CA SER A 100 0.00 5.69 -14.22
C SER A 100 -0.29 4.19 -14.27
N LYS A 101 -0.07 3.48 -13.16
CA LYS A 101 -0.28 2.03 -13.14
C LYS A 101 -1.33 1.57 -12.11
N PRO A 102 -2.54 1.20 -12.56
CA PRO A 102 -3.59 0.70 -11.66
C PRO A 102 -3.26 -0.70 -11.16
N VAL A 103 -2.70 -0.78 -9.97
CA VAL A 103 -2.29 -2.06 -9.39
C VAL A 103 -3.23 -2.59 -8.32
N THR A 104 -3.08 -3.88 -8.02
CA THR A 104 -3.85 -4.55 -6.98
C THR A 104 -2.96 -4.78 -5.78
N PHE A 105 -3.16 -3.98 -4.74
CA PHE A 105 -2.35 -4.08 -3.54
C PHE A 105 -2.97 -4.99 -2.49
N GLU A 106 -2.23 -5.99 -2.06
CA GLU A 106 -2.67 -6.89 -1.00
C GLU A 106 -2.01 -6.42 0.28
N VAL A 107 -2.64 -5.43 0.93
CA VAL A 107 -2.08 -4.86 2.15
C VAL A 107 -2.58 -5.55 3.41
N VAL A 108 -1.69 -6.27 4.06
CA VAL A 108 -2.01 -6.96 5.29
C VAL A 108 -1.90 -5.97 6.45
N LEU A 109 -3.04 -5.38 6.79
CA LEU A 109 -3.12 -4.34 7.80
C LEU A 109 -2.53 -4.71 9.17
N LYS A 110 -1.20 -4.74 9.28
CA LYS A 110 -0.56 -4.99 10.56
C LYS A 110 -0.01 -3.65 11.03
N ALA A 111 -0.31 -3.22 12.25
CA ALA A 111 0.14 -1.88 12.66
C ALA A 111 0.82 -1.80 14.02
N ILE A 112 1.99 -1.16 13.99
CA ILE A 112 2.79 -0.93 15.19
C ILE A 112 2.78 0.56 15.52
N LYS A 113 2.51 0.93 16.77
CA LYS A 113 2.48 2.35 17.12
C LYS A 113 3.78 2.76 17.80
N LYS A 29 -12.07 0.84 12.34
CA LYS A 29 -11.67 1.79 11.31
C LYS A 29 -10.32 2.43 11.64
N LEU A 30 -9.26 1.90 11.04
CA LEU A 30 -7.92 2.43 11.26
C LEU A 30 -7.65 3.59 10.33
N ALA A 31 -8.09 4.78 10.73
CA ALA A 31 -7.90 5.97 9.90
C ALA A 31 -6.49 6.54 10.05
N ASN A 32 -6.30 7.74 9.51
CA ASN A 32 -4.99 8.41 9.55
C ASN A 32 -4.39 8.44 10.95
N GLY A 33 -3.27 9.15 11.08
CA GLY A 33 -2.61 9.29 12.37
C GLY A 33 -2.17 7.97 12.99
N ASP A 34 -2.28 6.88 12.22
CA ASP A 34 -1.90 5.57 12.71
C ASP A 34 -0.79 4.96 11.86
N ILE A 35 -0.19 3.87 12.33
CA ILE A 35 0.86 3.20 11.60
C ILE A 35 0.31 1.89 11.02
N ALA A 36 0.32 1.74 9.71
CA ALA A 36 -0.23 0.54 9.10
C ALA A 36 0.86 -0.40 8.57
N ILE A 37 1.11 -1.49 9.28
CA ILE A 37 2.07 -2.48 8.81
C ILE A 37 1.41 -3.29 7.69
N ILE A 38 1.49 -2.73 6.50
CA ILE A 38 0.84 -3.31 5.34
C ILE A 38 1.69 -4.29 4.55
N ASP A 39 1.22 -5.53 4.47
CA ASP A 39 1.89 -6.57 3.68
C ASP A 39 1.31 -6.48 2.29
N PHE A 40 1.74 -5.46 1.57
CA PHE A 40 1.24 -5.20 0.23
C PHE A 40 2.15 -5.74 -0.86
N THR A 41 1.61 -6.67 -1.64
CA THR A 41 2.37 -7.29 -2.73
C THR A 41 2.08 -6.59 -4.06
N GLY A 42 3.12 -6.02 -4.65
CA GLY A 42 3.00 -5.34 -5.93
C GLY A 42 2.73 -6.28 -7.09
N ILE A 43 1.47 -6.66 -7.27
CA ILE A 43 1.10 -7.56 -8.37
C ILE A 43 0.79 -6.77 -9.62
N VAL A 44 1.52 -7.04 -10.68
CA VAL A 44 1.33 -6.37 -11.95
C VAL A 44 0.41 -7.15 -12.88
N ASP A 45 -0.89 -7.15 -12.58
CA ASP A 45 -1.87 -7.87 -13.39
C ASP A 45 -1.46 -9.33 -13.57
N ASN A 46 -1.72 -10.14 -12.54
CA ASN A 46 -1.37 -11.57 -12.57
C ASN A 46 0.06 -11.80 -12.14
N LYS A 47 0.96 -10.97 -12.64
CA LYS A 47 2.35 -11.11 -12.28
C LYS A 47 2.65 -10.37 -10.99
N LYS A 48 3.72 -10.77 -10.31
CA LYS A 48 4.11 -10.13 -9.06
C LYS A 48 5.44 -9.42 -9.22
N LEU A 49 5.49 -8.18 -8.75
CA LEU A 49 6.71 -7.37 -8.84
C LEU A 49 7.59 -7.55 -7.61
N ALA A 50 8.76 -6.93 -7.63
CA ALA A 50 9.70 -7.02 -6.53
C ALA A 50 9.81 -5.68 -5.80
N SER A 51 9.61 -4.59 -6.56
CA SER A 51 9.68 -3.24 -6.00
C SER A 51 8.45 -2.92 -5.18
N ALA A 52 7.29 -3.19 -5.74
CA ALA A 52 6.05 -2.90 -5.04
C ALA A 52 5.66 -4.03 -4.09
N SER A 53 6.57 -4.99 -3.88
CA SER A 53 6.29 -6.13 -3.00
C SER A 53 6.74 -5.86 -1.57
N ALA A 54 5.83 -5.35 -0.76
CA ALA A 54 6.14 -5.05 0.64
C ALA A 54 5.31 -5.89 1.59
N GLN A 55 6.01 -6.47 2.55
CA GLN A 55 5.37 -7.29 3.55
C GLN A 55 4.99 -6.44 4.76
N ASN A 56 5.29 -6.94 5.93
CA ASN A 56 5.02 -6.22 7.16
C ASN A 56 5.77 -4.89 7.16
N TYR A 57 5.29 -3.95 6.34
CA TYR A 57 5.92 -2.64 6.22
C TYR A 57 5.23 -1.63 7.14
N GLU A 58 5.87 -1.34 8.26
CA GLU A 58 5.33 -0.38 9.21
C GLU A 58 5.16 0.98 8.54
N LEU A 59 4.01 1.19 7.93
CA LEU A 59 3.71 2.45 7.26
C LEU A 59 2.97 3.38 8.20
N THR A 60 3.10 4.67 7.98
CA THR A 60 2.40 5.64 8.80
C THR A 60 1.28 6.26 7.97
N ILE A 61 0.04 5.95 8.31
CA ILE A 61 -1.08 6.50 7.56
C ILE A 61 -1.43 7.89 8.07
N GLY A 62 -0.99 8.88 7.32
CA GLY A 62 -1.23 10.26 7.69
C GLY A 62 0.05 11.07 7.63
N SER A 63 1.08 10.51 6.99
CA SER A 63 2.37 11.19 6.86
C SER A 63 2.57 11.74 5.45
N ASN A 64 1.49 11.74 4.65
CA ASN A 64 1.55 12.25 3.28
C ASN A 64 2.79 11.78 2.53
N SER A 65 3.30 10.61 2.89
CA SER A 65 4.50 10.07 2.25
C SER A 65 4.13 9.11 1.11
N PHE A 66 2.93 8.54 1.19
CA PHE A 66 2.47 7.61 0.16
C PHE A 66 1.61 8.32 -0.88
N ILE A 67 1.25 7.59 -1.93
CA ILE A 67 0.42 8.15 -2.99
C ILE A 67 -1.04 8.23 -2.55
N LYS A 68 -1.83 9.01 -3.29
CA LYS A 68 -3.25 9.17 -2.98
C LYS A 68 -4.05 7.95 -3.42
N GLY A 69 -4.61 7.24 -2.45
CA GLY A 69 -5.39 6.06 -2.76
C GLY A 69 -4.83 4.80 -2.12
N PHE A 70 -3.54 4.85 -1.78
CA PHE A 70 -2.86 3.70 -1.16
C PHE A 70 -3.13 3.66 0.34
N GLU A 71 -2.37 4.44 1.11
CA GLU A 71 -2.52 4.49 2.56
C GLU A 71 -4.00 4.58 2.94
N THR A 72 -4.78 5.30 2.13
CA THR A 72 -6.20 5.49 2.37
C THR A 72 -6.99 4.19 2.22
N GLY A 73 -6.63 3.37 1.24
CA GLY A 73 -7.34 2.12 1.02
C GLY A 73 -7.16 1.14 2.17
N LEU A 74 -6.08 1.27 2.90
CA LEU A 74 -5.80 0.39 4.03
C LEU A 74 -6.40 0.94 5.33
N ILE A 75 -6.43 2.27 5.45
CA ILE A 75 -6.95 2.91 6.66
C ILE A 75 -8.47 2.75 6.82
N ALA A 76 -9.17 2.79 5.70
CA ALA A 76 -10.63 2.70 5.68
C ALA A 76 -11.15 1.33 6.12
N MET A 77 -10.31 0.30 6.04
CA MET A 77 -10.75 -1.03 6.47
C MET A 77 -10.11 -1.43 7.79
N LYS A 78 -10.44 -2.64 8.26
CA LYS A 78 -9.92 -3.15 9.52
C LYS A 78 -8.50 -3.66 9.35
N VAL A 79 -8.03 -4.44 10.32
CA VAL A 79 -6.68 -5.00 10.26
C VAL A 79 -6.73 -6.48 9.90
N ASN A 80 -5.61 -7.03 9.48
CA ASN A 80 -5.55 -8.43 9.09
C ASN A 80 -6.46 -8.70 7.90
N GLN A 81 -6.79 -7.65 7.15
CA GLN A 81 -7.66 -7.77 5.99
C GLN A 81 -6.85 -7.78 4.69
N LYS A 82 -7.17 -8.71 3.80
CA LYS A 82 -6.48 -8.81 2.52
C LYS A 82 -7.14 -7.92 1.47
N LYS A 83 -6.62 -6.70 1.33
CA LYS A 83 -7.16 -5.75 0.38
C LYS A 83 -6.39 -5.76 -0.94
N THR A 84 -6.80 -6.63 -1.85
CA THR A 84 -6.14 -6.73 -3.15
C THR A 84 -6.70 -5.69 -4.12
N LEU A 85 -6.37 -4.43 -3.88
CA LEU A 85 -6.84 -3.34 -4.71
C LEU A 85 -5.88 -3.04 -5.87
N ALA A 86 -6.44 -2.79 -7.04
CA ALA A 86 -5.64 -2.48 -8.22
C ALA A 86 -5.35 -0.99 -8.29
N LEU A 87 -4.29 -0.56 -7.61
CA LEU A 87 -3.92 0.85 -7.56
C LEU A 87 -2.99 1.23 -8.70
N THR A 88 -3.10 2.49 -9.12
CA THR A 88 -2.25 3.00 -10.20
C THR A 88 -0.98 3.58 -9.60
N PHE A 89 -0.06 3.98 -10.45
CA PHE A 89 1.20 4.56 -10.01
C PHE A 89 1.37 5.98 -10.56
N PRO A 90 1.34 7.00 -9.67
CA PRO A 90 1.48 8.40 -10.08
C PRO A 90 2.93 8.82 -10.32
N SER A 91 3.11 9.94 -11.02
CA SER A 91 4.44 10.45 -11.31
C SER A 91 5.19 10.77 -10.03
N ASP A 92 4.46 11.19 -9.01
CA ASP A 92 5.04 11.54 -7.72
C ASP A 92 6.06 10.50 -7.25
N TYR A 93 5.85 9.25 -7.65
CA TYR A 93 6.75 8.16 -7.27
C TYR A 93 8.20 8.49 -7.63
N HIS A 94 9.12 8.07 -6.77
CA HIS A 94 10.54 8.33 -6.98
C HIS A 94 11.06 7.64 -8.24
N VAL A 95 10.35 6.60 -8.69
CA VAL A 95 10.76 5.89 -9.89
C VAL A 95 9.98 6.34 -11.11
N LYS A 96 10.70 6.61 -12.19
CA LYS A 96 10.10 7.06 -13.45
C LYS A 96 9.02 6.08 -13.92
N GLU A 97 9.28 4.80 -13.74
CA GLU A 97 8.36 3.76 -14.17
C GLU A 97 7.00 3.84 -13.46
N LEU A 98 7.02 4.03 -12.16
CA LEU A 98 5.78 4.09 -11.40
C LEU A 98 5.12 5.46 -11.50
N GLN A 99 5.37 6.12 -12.61
CA GLN A 99 4.76 7.40 -12.86
C GLN A 99 3.39 7.17 -13.48
N SER A 100 3.31 6.13 -14.31
CA SER A 100 2.07 5.76 -14.97
C SER A 100 1.91 4.24 -15.03
N LYS A 101 1.94 3.57 -13.88
CA LYS A 101 1.84 2.12 -13.84
C LYS A 101 0.65 1.60 -13.04
N PRO A 102 -0.42 1.15 -13.72
CA PRO A 102 -1.60 0.58 -13.05
C PRO A 102 -1.27 -0.79 -12.45
N VAL A 103 -0.87 -0.78 -11.19
CA VAL A 103 -0.47 -2.02 -10.51
C VAL A 103 -1.56 -2.60 -9.61
N THR A 104 -1.42 -3.88 -9.31
CA THR A 104 -2.35 -4.58 -8.42
C THR A 104 -1.69 -4.78 -7.06
N PHE A 105 -2.17 -4.04 -6.07
CA PHE A 105 -1.61 -4.10 -4.74
C PHE A 105 -2.35 -5.09 -3.85
N GLU A 106 -1.62 -6.09 -3.37
CA GLU A 106 -2.19 -7.07 -2.45
C GLU A 106 -1.79 -6.65 -1.05
N VAL A 107 -2.56 -5.74 -0.46
CA VAL A 107 -2.24 -5.22 0.85
C VAL A 107 -2.93 -5.96 1.98
N VAL A 108 -2.14 -6.69 2.76
CA VAL A 108 -2.65 -7.41 3.90
C VAL A 108 -2.73 -6.43 5.06
N LEU A 109 -3.83 -5.71 5.11
CA LEU A 109 -4.08 -4.66 6.08
C LEU A 109 -3.67 -5.00 7.51
N LYS A 110 -2.37 -4.92 7.82
CA LYS A 110 -1.90 -5.15 9.18
C LYS A 110 -1.53 -3.78 9.75
N ALA A 111 -2.03 -3.43 10.94
CA ALA A 111 -1.75 -2.09 11.45
C ALA A 111 -1.34 -2.02 12.91
N ILE A 112 -0.24 -1.32 13.14
CA ILE A 112 0.32 -1.10 14.47
C ILE A 112 0.19 0.38 14.83
N LYS A 113 -0.32 0.70 16.01
CA LYS A 113 -0.47 2.11 16.39
C LYS A 113 0.67 2.55 17.30
N LYS A 29 -12.10 -0.58 12.51
CA LYS A 29 -11.61 0.28 11.42
C LYS A 29 -10.34 1.00 11.84
N LEU A 30 -9.22 0.61 11.24
CA LEU A 30 -7.93 1.23 11.54
C LEU A 30 -7.73 2.47 10.68
N ALA A 31 -8.19 3.61 11.18
CA ALA A 31 -8.08 4.85 10.43
C ALA A 31 -6.71 5.52 10.63
N ASN A 32 -6.60 6.76 10.17
CA ASN A 32 -5.35 7.52 10.25
C ASN A 32 -4.70 7.47 11.63
N GLY A 33 -3.61 8.21 11.78
CA GLY A 33 -2.91 8.27 13.06
C GLY A 33 -2.41 6.93 13.56
N ASP A 34 -2.47 5.91 12.72
CA ASP A 34 -2.02 4.57 13.09
C ASP A 34 -0.92 4.08 12.17
N ILE A 35 -0.27 2.98 12.54
CA ILE A 35 0.80 2.42 11.73
C ILE A 35 0.30 1.11 11.11
N ALA A 36 0.27 1.04 9.78
CA ALA A 36 -0.24 -0.15 9.11
C ALA A 36 0.88 -1.00 8.51
N ILE A 37 1.16 -2.15 9.12
CA ILE A 37 2.16 -3.07 8.60
C ILE A 37 1.52 -3.97 7.54
N ILE A 38 1.36 -3.43 6.35
CA ILE A 38 0.71 -4.16 5.28
C ILE A 38 1.68 -4.85 4.33
N ASP A 39 1.44 -6.12 4.04
CA ASP A 39 2.25 -6.87 3.11
C ASP A 39 1.66 -6.68 1.73
N PHE A 40 2.09 -5.62 1.07
CA PHE A 40 1.56 -5.29 -0.24
C PHE A 40 2.43 -5.79 -1.39
N THR A 41 1.88 -6.73 -2.17
CA THR A 41 2.60 -7.31 -3.30
C THR A 41 2.31 -6.55 -4.60
N GLY A 42 3.32 -5.84 -5.11
CA GLY A 42 3.16 -5.09 -6.34
C GLY A 42 3.05 -5.95 -7.59
N ILE A 43 1.84 -6.44 -7.86
CA ILE A 43 1.61 -7.26 -9.05
C ILE A 43 1.26 -6.40 -10.24
N VAL A 44 2.02 -6.53 -11.31
CA VAL A 44 1.78 -5.74 -12.52
C VAL A 44 0.93 -6.50 -13.53
N ASP A 45 -0.37 -6.60 -13.25
CA ASP A 45 -1.28 -7.30 -14.15
C ASP A 45 -0.82 -8.74 -14.44
N ASN A 46 -0.98 -9.61 -13.44
CA ASN A 46 -0.58 -11.02 -13.58
C ASN A 46 0.86 -11.23 -13.16
N LYS A 47 1.70 -10.24 -13.39
CA LYS A 47 3.10 -10.37 -13.02
C LYS A 47 3.34 -9.88 -11.60
N LYS A 48 4.08 -10.67 -10.83
CA LYS A 48 4.38 -10.30 -9.44
C LYS A 48 5.88 -10.12 -9.26
N LEU A 49 6.35 -8.90 -9.48
CA LEU A 49 7.78 -8.59 -9.34
C LEU A 49 8.14 -8.21 -7.91
N ALA A 50 9.42 -7.89 -7.70
CA ALA A 50 9.90 -7.51 -6.38
C ALA A 50 9.81 -5.99 -6.18
N SER A 51 9.63 -5.26 -7.27
CA SER A 51 9.53 -3.80 -7.22
C SER A 51 8.60 -3.35 -6.10
N ALA A 52 7.30 -3.36 -6.37
CA ALA A 52 6.33 -2.92 -5.38
C ALA A 52 5.95 -4.07 -4.42
N SER A 53 6.80 -5.08 -4.33
CA SER A 53 6.53 -6.23 -3.45
C SER A 53 6.99 -5.95 -2.04
N ALA A 54 6.07 -5.51 -1.19
CA ALA A 54 6.38 -5.21 0.20
C ALA A 54 5.62 -6.11 1.15
N GLN A 55 6.34 -6.64 2.12
CA GLN A 55 5.76 -7.52 3.12
C GLN A 55 5.28 -6.70 4.32
N ASN A 56 5.56 -7.22 5.50
CA ASN A 56 5.20 -6.55 6.74
C ASN A 56 5.87 -5.18 6.78
N TYR A 57 5.36 -4.26 5.99
CA TYR A 57 5.90 -2.91 5.93
C TYR A 57 5.18 -2.01 6.91
N GLU A 58 5.90 -1.63 7.97
CA GLU A 58 5.34 -0.76 8.99
C GLU A 58 5.14 0.64 8.44
N LEU A 59 3.96 0.84 7.85
CA LEU A 59 3.61 2.13 7.28
C LEU A 59 2.84 2.95 8.30
N THR A 60 2.91 4.26 8.18
CA THR A 60 2.19 5.14 9.09
C THR A 60 1.04 5.77 8.34
N ILE A 61 -0.19 5.41 8.70
CA ILE A 61 -1.34 5.96 8.02
C ILE A 61 -1.75 7.28 8.65
N GLY A 62 -1.37 8.35 7.97
CA GLY A 62 -1.65 9.69 8.47
C GLY A 62 -0.40 10.54 8.50
N SER A 63 0.64 10.12 7.76
CA SER A 63 1.89 10.85 7.70
C SER A 63 2.05 11.60 6.37
N ASN A 64 1.16 11.32 5.43
CA ASN A 64 1.19 11.97 4.12
C ASN A 64 2.45 11.62 3.34
N SER A 65 3.04 10.47 3.66
CA SER A 65 4.26 10.04 2.97
C SER A 65 3.93 9.07 1.83
N PHE A 66 2.81 8.37 1.94
CA PHE A 66 2.39 7.43 0.91
C PHE A 66 1.43 8.08 -0.07
N ILE A 67 1.30 7.48 -1.25
CA ILE A 67 0.40 8.01 -2.28
C ILE A 67 -1.04 8.10 -1.77
N LYS A 68 -1.83 8.95 -2.42
CA LYS A 68 -3.22 9.11 -2.04
C LYS A 68 -4.10 8.00 -2.60
N GLY A 69 -4.62 7.17 -1.71
CA GLY A 69 -5.47 6.07 -2.13
C GLY A 69 -4.98 4.74 -1.59
N PHE A 70 -3.67 4.64 -1.36
CA PHE A 70 -3.07 3.42 -0.83
C PHE A 70 -3.35 3.29 0.65
N GLU A 71 -2.66 4.11 1.46
CA GLU A 71 -2.84 4.10 2.91
C GLU A 71 -4.32 4.06 3.27
N THR A 72 -5.14 4.76 2.50
CA THR A 72 -6.58 4.82 2.72
C THR A 72 -7.26 3.46 2.52
N GLY A 73 -6.81 2.70 1.54
CA GLY A 73 -7.41 1.41 1.27
C GLY A 73 -7.14 0.40 2.38
N LEU A 74 -6.06 0.60 3.11
CA LEU A 74 -5.71 -0.30 4.20
C LEU A 74 -6.33 0.15 5.53
N ILE A 75 -6.46 1.46 5.71
CA ILE A 75 -7.01 2.01 6.94
C ILE A 75 -8.50 1.72 7.10
N ALA A 76 -9.25 1.89 6.03
CA ALA A 76 -10.70 1.69 6.04
C ALA A 76 -11.08 0.23 6.32
N MET A 77 -10.14 -0.69 6.17
CA MET A 77 -10.43 -2.10 6.43
C MET A 77 -9.82 -2.55 7.74
N LYS A 78 -10.15 -3.78 8.16
CA LYS A 78 -9.64 -4.34 9.41
C LYS A 78 -8.19 -4.76 9.25
N VAL A 79 -7.68 -5.55 10.19
CA VAL A 79 -6.31 -6.03 10.14
C VAL A 79 -6.28 -7.51 9.75
N ASN A 80 -5.11 -7.98 9.30
CA ASN A 80 -4.97 -9.36 8.88
C ASN A 80 -5.83 -9.66 7.67
N GLN A 81 -6.24 -8.61 6.96
CA GLN A 81 -7.08 -8.76 5.78
C GLN A 81 -6.27 -8.62 4.50
N LYS A 82 -6.35 -9.63 3.63
CA LYS A 82 -5.62 -9.62 2.37
C LYS A 82 -6.44 -8.93 1.29
N LYS A 83 -6.21 -7.64 1.11
CA LYS A 83 -6.93 -6.87 0.11
C LYS A 83 -6.14 -6.70 -1.17
N THR A 84 -6.44 -7.54 -2.16
CA THR A 84 -5.75 -7.48 -3.46
C THR A 84 -6.40 -6.43 -4.35
N LEU A 85 -6.12 -5.16 -4.05
CA LEU A 85 -6.69 -4.04 -4.80
C LEU A 85 -5.77 -3.60 -5.94
N ALA A 86 -6.36 -3.32 -7.10
CA ALA A 86 -5.60 -2.87 -8.26
C ALA A 86 -5.43 -1.36 -8.21
N LEU A 87 -4.39 -0.91 -7.52
CA LEU A 87 -4.13 0.52 -7.37
C LEU A 87 -3.24 1.06 -8.47
N THR A 88 -3.42 2.34 -8.77
CA THR A 88 -2.62 3.00 -9.79
C THR A 88 -1.38 3.62 -9.15
N PHE A 89 -0.49 4.16 -9.96
CA PHE A 89 0.72 4.79 -9.46
C PHE A 89 0.77 6.26 -9.88
N PRO A 90 0.67 7.19 -8.91
CA PRO A 90 0.69 8.63 -9.19
C PRO A 90 2.09 9.17 -9.38
N SER A 91 2.18 10.37 -9.96
CA SER A 91 3.46 11.02 -10.20
C SER A 91 4.20 11.24 -8.89
N ASP A 92 3.43 11.46 -7.82
CA ASP A 92 4.00 11.70 -6.50
C ASP A 92 5.12 10.72 -6.17
N TYR A 93 5.00 9.49 -6.66
CA TYR A 93 6.02 8.47 -6.40
C TYR A 93 7.41 8.97 -6.77
N HIS A 94 8.40 8.62 -5.95
CA HIS A 94 9.78 9.04 -6.17
C HIS A 94 10.34 8.48 -7.47
N VAL A 95 9.72 7.43 -8.00
CA VAL A 95 10.19 6.82 -9.24
C VAL A 95 9.38 7.30 -10.45
N LYS A 96 10.09 7.70 -11.49
CA LYS A 96 9.48 8.20 -12.72
C LYS A 96 8.43 7.24 -13.26
N GLU A 97 8.76 5.95 -13.28
CA GLU A 97 7.85 4.93 -13.83
C GLU A 97 6.54 4.83 -13.05
N LEU A 98 6.59 4.88 -11.73
CA LEU A 98 5.37 4.79 -10.94
C LEU A 98 4.63 6.10 -10.87
N GLN A 99 4.79 6.89 -11.91
CA GLN A 99 4.08 8.15 -12.01
C GLN A 99 2.71 7.87 -12.63
N SER A 100 2.69 6.92 -13.56
CA SER A 100 1.46 6.54 -14.23
C SER A 100 1.41 5.02 -14.47
N LYS A 101 1.52 4.24 -13.39
CA LYS A 101 1.53 2.78 -13.52
C LYS A 101 0.39 2.09 -12.75
N PRO A 102 -0.65 1.60 -13.46
CA PRO A 102 -1.77 0.88 -12.84
C PRO A 102 -1.32 -0.50 -12.36
N VAL A 103 -0.94 -0.59 -11.09
CA VAL A 103 -0.45 -1.84 -10.52
C VAL A 103 -1.49 -2.58 -9.68
N THR A 104 -1.24 -3.87 -9.48
CA THR A 104 -2.11 -4.70 -8.65
C THR A 104 -1.45 -4.88 -7.30
N PHE A 105 -1.96 -4.17 -6.31
CA PHE A 105 -1.40 -4.22 -4.96
C PHE A 105 -2.09 -5.27 -4.09
N GLU A 106 -1.33 -6.26 -3.66
CA GLU A 106 -1.84 -7.28 -2.76
C GLU A 106 -1.43 -6.87 -1.36
N VAL A 107 -2.22 -6.00 -0.76
CA VAL A 107 -1.92 -5.47 0.57
C VAL A 107 -2.54 -6.31 1.67
N VAL A 108 -1.69 -7.00 2.42
CA VAL A 108 -2.12 -7.81 3.54
C VAL A 108 -2.26 -6.89 4.75
N LEU A 109 -3.45 -6.33 4.89
CA LEU A 109 -3.76 -5.37 5.94
C LEU A 109 -3.34 -5.78 7.36
N LYS A 110 -2.05 -5.70 7.67
CA LYS A 110 -1.58 -5.97 9.01
C LYS A 110 -1.27 -4.62 9.64
N ALA A 111 -1.71 -4.37 10.87
CA ALA A 111 -1.50 -3.03 11.44
C ALA A 111 -1.02 -3.01 12.89
N ILE A 112 0.05 -2.26 13.10
CA ILE A 112 0.64 -2.06 14.41
C ILE A 112 0.42 -0.61 14.85
N LYS A 113 -0.07 -0.39 16.05
CA LYS A 113 -0.30 0.98 16.51
C LYS A 113 0.84 1.47 17.40
N LYS A 29 -8.62 1.32 15.32
CA LYS A 29 -8.48 2.27 14.21
C LYS A 29 -7.15 3.02 14.29
N LEU A 30 -6.16 2.54 13.54
CA LEU A 30 -4.84 3.17 13.52
C LEU A 30 -4.81 4.32 12.54
N ALA A 31 -5.20 5.50 13.01
CA ALA A 31 -5.22 6.69 12.15
C ALA A 31 -3.84 7.31 12.00
N ASN A 32 -3.80 8.51 11.40
CA ASN A 32 -2.55 9.23 11.17
C ASN A 32 -1.65 9.28 12.40
N GLY A 33 -0.51 9.96 12.26
CA GLY A 33 0.44 10.12 13.35
C GLY A 33 0.99 8.80 13.88
N ASP A 34 0.72 7.72 13.17
CA ASP A 34 1.19 6.40 13.59
C ASP A 34 2.08 5.76 12.51
N ILE A 35 2.76 4.68 12.87
CA ILE A 35 3.62 3.98 11.93
C ILE A 35 2.94 2.67 11.51
N ALA A 36 2.65 2.51 10.23
CA ALA A 36 1.96 1.30 9.78
C ALA A 36 2.88 0.32 9.06
N ILE A 37 3.30 -0.73 9.76
CA ILE A 37 4.14 -1.76 9.14
C ILE A 37 3.23 -2.68 8.33
N ILE A 38 2.93 -2.23 7.13
CA ILE A 38 2.01 -2.95 6.26
C ILE A 38 2.69 -3.85 5.24
N ASP A 39 2.27 -5.12 5.22
CA ASP A 39 2.78 -6.08 4.25
C ASP A 39 1.91 -5.98 3.02
N PHE A 40 2.25 -5.05 2.16
CA PHE A 40 1.45 -4.82 0.98
C PHE A 40 2.04 -5.49 -0.26
N THR A 41 1.28 -6.44 -0.83
CA THR A 41 1.72 -7.16 -2.01
C THR A 41 1.20 -6.53 -3.30
N GLY A 42 2.14 -6.09 -4.15
CA GLY A 42 1.78 -5.49 -5.42
C GLY A 42 1.15 -6.45 -6.41
N ILE A 43 -0.13 -6.76 -6.21
CA ILE A 43 -0.83 -7.67 -7.11
C ILE A 43 -1.42 -6.90 -8.29
N VAL A 44 -1.00 -7.25 -9.49
CA VAL A 44 -1.49 -6.58 -10.69
C VAL A 44 -2.68 -7.31 -11.30
N ASP A 45 -3.83 -7.18 -10.65
CA ASP A 45 -5.05 -7.84 -11.12
C ASP A 45 -4.85 -9.33 -11.31
N ASN A 46 -4.83 -10.07 -10.20
CA ASN A 46 -4.64 -11.53 -10.23
C ASN A 46 -3.16 -11.90 -10.18
N LYS A 47 -2.32 -11.09 -10.80
CA LYS A 47 -0.90 -11.39 -10.82
C LYS A 47 -0.21 -10.78 -9.59
N LYS A 48 0.65 -11.54 -8.96
CA LYS A 48 1.38 -11.07 -7.79
C LYS A 48 2.89 -11.06 -8.04
N LEU A 49 3.40 -9.93 -8.53
CA LEU A 49 4.83 -9.81 -8.81
C LEU A 49 5.58 -9.30 -7.58
N ALA A 50 6.89 -9.10 -7.74
CA ALA A 50 7.73 -8.62 -6.65
C ALA A 50 7.86 -7.10 -6.66
N SER A 51 7.45 -6.47 -7.75
CA SER A 51 7.53 -5.02 -7.89
C SER A 51 6.99 -4.31 -6.64
N ALA A 52 5.68 -4.21 -6.54
CA ALA A 52 5.06 -3.54 -5.40
C ALA A 52 4.86 -4.51 -4.24
N SER A 53 5.67 -5.56 -4.18
CA SER A 53 5.56 -6.55 -3.11
C SER A 53 6.35 -6.14 -1.87
N ALA A 54 5.65 -5.52 -0.92
CA ALA A 54 6.27 -5.09 0.32
C ALA A 54 5.68 -5.79 1.52
N GLN A 55 6.57 -6.27 2.37
CA GLN A 55 6.17 -6.98 3.57
C GLN A 55 6.03 -6.02 4.75
N ASN A 56 6.56 -6.41 5.88
CA ASN A 56 6.54 -5.59 7.07
C ASN A 56 7.27 -4.28 6.79
N TYR A 57 6.62 -3.39 6.06
CA TYR A 57 7.20 -2.11 5.70
C TYR A 57 6.79 -1.05 6.72
N GLU A 58 7.71 -0.75 7.63
CA GLU A 58 7.46 0.25 8.66
C GLU A 58 7.15 1.59 8.02
N LEU A 59 5.88 1.80 7.69
CA LEU A 59 5.44 3.04 7.08
C LEU A 59 4.94 4.00 8.15
N THR A 60 4.99 5.28 7.86
CA THR A 60 4.52 6.29 8.80
C THR A 60 3.28 6.94 8.23
N ILE A 61 2.13 6.73 8.85
CA ILE A 61 0.91 7.34 8.37
C ILE A 61 0.78 8.74 8.93
N GLY A 62 0.87 9.72 8.04
CA GLY A 62 0.81 11.11 8.44
C GLY A 62 2.11 11.83 8.13
N SER A 63 2.88 11.26 7.20
CA SER A 63 4.16 11.83 6.79
C SER A 63 4.04 12.51 5.43
N ASN A 64 3.07 12.06 4.64
CA ASN A 64 2.84 12.61 3.30
C ASN A 64 3.88 12.12 2.30
N SER A 65 4.49 10.96 2.58
CA SER A 65 5.51 10.41 1.69
C SER A 65 4.91 9.38 0.74
N PHE A 66 3.78 8.80 1.12
CA PHE A 66 3.12 7.81 0.27
C PHE A 66 2.01 8.46 -0.55
N ILE A 67 1.61 7.80 -1.64
CA ILE A 67 0.57 8.31 -2.51
C ILE A 67 -0.73 8.54 -1.73
N LYS A 68 -1.62 9.35 -2.29
CA LYS A 68 -2.89 9.65 -1.64
C LYS A 68 -3.89 8.51 -1.86
N GLY A 69 -4.36 7.93 -0.77
CA GLY A 69 -5.30 6.83 -0.86
C GLY A 69 -4.72 5.54 -0.33
N PHE A 70 -3.40 5.44 -0.35
CA PHE A 70 -2.70 4.25 0.13
C PHE A 70 -2.56 4.27 1.66
N GLU A 71 -1.63 5.07 2.15
CA GLU A 71 -1.40 5.19 3.59
C GLU A 71 -2.71 5.31 4.35
N THR A 72 -3.67 6.03 3.78
CA THR A 72 -4.98 6.24 4.40
C THR A 72 -5.77 4.93 4.52
N GLY A 73 -5.87 4.19 3.41
CA GLY A 73 -6.61 2.94 3.41
C GLY A 73 -6.13 1.99 4.50
N LEU A 74 -4.89 2.16 4.93
CA LEU A 74 -4.33 1.32 5.97
C LEU A 74 -4.62 1.90 7.37
N ILE A 75 -4.69 3.22 7.45
CA ILE A 75 -4.95 3.90 8.72
C ILE A 75 -6.38 3.68 9.22
N ALA A 76 -7.29 3.39 8.30
CA ALA A 76 -8.69 3.20 8.66
C ALA A 76 -8.98 1.77 9.15
N MET A 77 -8.03 0.86 8.97
CA MET A 77 -8.22 -0.51 9.41
C MET A 77 -7.35 -0.83 10.63
N LYS A 78 -7.77 -1.83 11.40
CA LYS A 78 -7.04 -2.25 12.60
C LYS A 78 -5.72 -2.90 12.21
N VAL A 79 -5.10 -3.64 13.12
CA VAL A 79 -3.84 -4.30 12.83
C VAL A 79 -4.08 -5.76 12.45
N ASN A 80 -3.11 -6.36 11.76
CA ASN A 80 -3.21 -7.74 11.33
C ASN A 80 -4.39 -7.93 10.39
N GLN A 81 -4.79 -6.86 9.71
CA GLN A 81 -5.91 -6.92 8.77
C GLN A 81 -5.43 -6.97 7.33
N LYS A 82 -5.90 -7.97 6.59
CA LYS A 82 -5.51 -8.12 5.19
C LYS A 82 -6.45 -7.34 4.28
N LYS A 83 -6.07 -6.10 3.97
CA LYS A 83 -6.87 -5.25 3.12
C LYS A 83 -6.38 -5.28 1.67
N THR A 84 -6.98 -6.14 0.86
CA THR A 84 -6.60 -6.25 -0.55
C THR A 84 -7.36 -5.23 -1.40
N LEU A 85 -6.92 -3.97 -1.31
CA LEU A 85 -7.57 -2.89 -2.06
C LEU A 85 -6.91 -2.69 -3.43
N ALA A 86 -7.75 -2.42 -4.44
CA ALA A 86 -7.25 -2.20 -5.79
C ALA A 86 -6.91 -0.73 -5.99
N LEU A 87 -5.70 -0.34 -5.57
CA LEU A 87 -5.27 1.05 -5.68
C LEU A 87 -4.59 1.35 -7.00
N THR A 88 -4.66 2.61 -7.42
CA THR A 88 -4.04 3.04 -8.67
C THR A 88 -2.65 3.57 -8.38
N PHE A 89 -1.91 3.92 -9.42
CA PHE A 89 -0.57 4.45 -9.25
C PHE A 89 -0.45 5.83 -9.88
N PRO A 90 -0.13 6.87 -9.08
CA PRO A 90 -0.01 8.25 -9.57
C PRO A 90 1.36 8.54 -10.16
N SER A 91 1.44 9.61 -10.94
CA SER A 91 2.70 10.02 -11.56
C SER A 91 3.75 10.34 -10.50
N ASP A 92 3.27 10.81 -9.34
CA ASP A 92 4.15 11.17 -8.23
C ASP A 92 5.23 10.10 -7.99
N TYR A 93 4.89 8.85 -8.26
CA TYR A 93 5.85 7.75 -8.06
C TYR A 93 7.13 8.00 -8.84
N HIS A 94 8.26 7.67 -8.20
CA HIS A 94 9.57 7.86 -8.82
C HIS A 94 9.73 7.04 -10.10
N VAL A 95 8.92 6.01 -10.26
CA VAL A 95 9.01 5.17 -11.46
C VAL A 95 7.98 5.57 -12.50
N LYS A 96 8.45 5.76 -13.72
CA LYS A 96 7.61 6.15 -14.85
C LYS A 96 6.38 5.24 -14.98
N GLU A 97 6.61 3.94 -14.88
CA GLU A 97 5.54 2.96 -15.04
C GLU A 97 4.42 3.12 -14.00
N LEU A 98 4.80 3.32 -12.74
CA LEU A 98 3.80 3.46 -11.69
C LEU A 98 3.22 4.86 -11.65
N GLN A 99 3.23 5.52 -12.79
CA GLN A 99 2.67 6.84 -12.90
C GLN A 99 1.17 6.69 -13.14
N SER A 100 0.81 5.64 -13.89
CA SER A 100 -0.58 5.35 -14.21
C SER A 100 -0.83 3.83 -14.17
N LYS A 101 -0.65 3.23 -13.00
CA LYS A 101 -0.81 1.78 -12.87
C LYS A 101 -1.89 1.37 -11.85
N PRO A 102 -3.07 0.92 -12.34
CA PRO A 102 -4.15 0.45 -11.45
C PRO A 102 -3.78 -0.91 -10.89
N VAL A 103 -3.12 -0.91 -9.74
CA VAL A 103 -2.66 -2.15 -9.12
C VAL A 103 -3.54 -2.63 -7.97
N THR A 104 -3.37 -3.90 -7.64
CA THR A 104 -4.10 -4.53 -6.54
C THR A 104 -3.14 -4.76 -5.39
N PHE A 105 -3.30 -3.96 -4.33
CA PHE A 105 -2.42 -4.04 -3.18
C PHE A 105 -2.98 -4.93 -2.07
N GLU A 106 -2.20 -5.92 -1.69
CA GLU A 106 -2.57 -6.80 -0.59
C GLU A 106 -1.84 -6.29 0.65
N VAL A 107 -2.44 -5.32 1.31
CA VAL A 107 -1.83 -4.71 2.48
C VAL A 107 -2.24 -5.37 3.78
N VAL A 108 -1.31 -6.07 4.39
CA VAL A 108 -1.56 -6.73 5.66
C VAL A 108 -1.34 -5.72 6.79
N LEU A 109 -2.42 -5.06 7.16
CA LEU A 109 -2.41 -4.00 8.16
C LEU A 109 -1.67 -4.33 9.46
N LYS A 110 -0.34 -4.27 9.44
CA LYS A 110 0.43 -4.48 10.65
C LYS A 110 0.93 -3.10 11.08
N ALA A 111 0.67 -2.69 12.32
CA ALA A 111 1.07 -1.33 12.70
C ALA A 111 1.82 -1.20 14.03
N ILE A 112 2.94 -0.50 13.94
CA ILE A 112 3.79 -0.23 15.08
C ILE A 112 3.78 1.28 15.36
N LYS A 113 3.66 1.69 16.61
CA LYS A 113 3.64 3.12 16.91
C LYS A 113 4.99 3.59 17.43
N LYS A 29 -12.85 -4.24 10.50
CA LYS A 29 -12.38 -3.16 9.64
C LYS A 29 -11.28 -2.36 10.33
N LEU A 30 -10.03 -2.59 9.91
CA LEU A 30 -8.90 -1.87 10.46
C LEU A 30 -8.71 -0.54 9.74
N ALA A 31 -9.38 0.49 10.23
CA ALA A 31 -9.30 1.81 9.61
C ALA A 31 -8.04 2.56 10.04
N ASN A 32 -8.03 3.87 9.77
CA ASN A 32 -6.89 4.73 10.08
C ASN A 32 -6.42 4.57 11.53
N GLY A 33 -5.48 5.44 11.93
CA GLY A 33 -4.95 5.43 13.28
C GLY A 33 -4.28 4.12 13.67
N ASP A 34 -4.09 3.23 12.70
CA ASP A 34 -3.46 1.94 12.97
C ASP A 34 -2.21 1.75 12.10
N ILE A 35 -1.44 0.71 12.39
CA ILE A 35 -0.25 0.41 11.63
C ILE A 35 -0.52 -0.80 10.74
N ALA A 36 -0.42 -0.64 9.42
CA ALA A 36 -0.72 -1.73 8.51
C ALA A 36 0.54 -2.37 7.92
N ILE A 37 0.93 -3.53 8.44
CA ILE A 37 2.08 -4.25 7.91
C ILE A 37 1.63 -5.03 6.68
N ILE A 38 1.57 -4.34 5.56
CA ILE A 38 1.07 -4.94 4.34
C ILE A 38 2.17 -5.38 3.38
N ASP A 39 2.05 -6.63 2.91
CA ASP A 39 2.99 -7.18 1.94
C ASP A 39 2.46 -6.84 0.57
N PHE A 40 2.84 -5.67 0.09
CA PHE A 40 2.36 -5.21 -1.19
C PHE A 40 3.37 -5.42 -2.31
N THR A 41 3.01 -6.26 -3.28
CA THR A 41 3.89 -6.57 -4.40
C THR A 41 3.63 -5.64 -5.60
N GLY A 42 4.66 -4.93 -6.02
CA GLY A 42 4.55 -4.03 -7.15
C GLY A 42 4.37 -4.73 -8.48
N ILE A 43 3.18 -5.22 -8.74
CA ILE A 43 2.90 -5.90 -10.01
C ILE A 43 2.48 -4.90 -11.07
N VAL A 44 3.26 -4.80 -12.13
CA VAL A 44 2.96 -3.87 -13.21
C VAL A 44 2.18 -4.54 -14.34
N ASP A 45 0.89 -4.76 -14.10
CA ASP A 45 0.02 -5.39 -15.09
C ASP A 45 0.59 -6.73 -15.54
N ASN A 46 0.44 -7.76 -14.70
CA ASN A 46 0.94 -9.10 -15.00
C ASN A 46 2.39 -9.28 -14.59
N LYS A 47 3.19 -8.24 -14.71
CA LYS A 47 4.58 -8.33 -14.33
C LYS A 47 4.78 -8.01 -12.86
N LYS A 48 5.61 -8.80 -12.19
CA LYS A 48 5.87 -8.59 -10.77
C LYS A 48 7.35 -8.31 -10.54
N LEU A 49 7.73 -7.03 -10.50
CA LEU A 49 9.12 -6.65 -10.28
C LEU A 49 9.43 -6.47 -8.80
N ALA A 50 10.65 -6.07 -8.49
CA ALA A 50 11.07 -5.86 -7.10
C ALA A 50 10.90 -4.41 -6.68
N SER A 51 10.71 -3.52 -7.66
CA SER A 51 10.53 -2.09 -7.38
C SER A 51 9.52 -1.86 -6.27
N ALA A 52 8.24 -1.96 -6.61
CA ALA A 52 7.19 -1.74 -5.63
C ALA A 52 6.88 -3.01 -4.85
N SER A 53 7.84 -3.92 -4.76
CA SER A 53 7.65 -5.18 -4.05
C SER A 53 7.98 -5.06 -2.57
N ALA A 54 6.97 -4.79 -1.76
CA ALA A 54 7.15 -4.65 -0.31
C ALA A 54 6.41 -5.73 0.44
N GLN A 55 7.11 -6.32 1.39
CA GLN A 55 6.55 -7.37 2.22
C GLN A 55 5.90 -6.80 3.47
N ASN A 56 6.20 -7.41 4.59
CA ASN A 56 5.69 -6.97 5.88
C ASN A 56 6.18 -5.54 6.14
N TYR A 57 5.58 -4.58 5.45
CA TYR A 57 5.95 -3.18 5.61
C TYR A 57 5.09 -2.54 6.68
N GLU A 58 5.70 -2.31 7.84
CA GLU A 58 5.01 -1.69 8.96
C GLU A 58 4.64 -0.26 8.61
N LEU A 59 3.51 -0.11 7.95
CA LEU A 59 3.01 1.19 7.55
C LEU A 59 2.03 1.72 8.60
N THR A 60 1.91 3.02 8.67
CA THR A 60 0.99 3.64 9.62
C THR A 60 -0.16 4.25 8.84
N ILE A 61 -1.36 3.71 8.99
CA ILE A 61 -2.50 4.25 8.27
C ILE A 61 -3.11 5.38 9.05
N GLY A 62 -2.83 6.59 8.60
CA GLY A 62 -3.31 7.78 9.27
C GLY A 62 -2.19 8.76 9.53
N SER A 63 -1.08 8.60 8.80
CA SER A 63 0.08 9.45 8.96
C SER A 63 0.20 10.44 7.80
N ASN A 64 -0.50 10.14 6.69
CA ASN A 64 -0.47 11.00 5.52
C ASN A 64 0.90 10.98 4.84
N SER A 65 1.65 9.90 5.05
CA SER A 65 2.98 9.78 4.45
C SER A 65 2.94 8.93 3.18
N PHE A 66 1.93 8.07 3.07
CA PHE A 66 1.79 7.22 1.89
C PHE A 66 0.84 7.84 0.87
N ILE A 67 0.91 7.37 -0.36
CA ILE A 67 0.06 7.89 -1.43
C ILE A 67 -1.41 7.73 -1.08
N LYS A 68 -2.26 8.56 -1.68
CA LYS A 68 -3.69 8.51 -1.43
C LYS A 68 -4.35 7.39 -2.25
N GLY A 69 -4.83 6.36 -1.55
CA GLY A 69 -5.46 5.24 -2.21
C GLY A 69 -4.89 3.91 -1.76
N PHE A 70 -3.62 3.93 -1.35
CA PHE A 70 -2.96 2.72 -0.89
C PHE A 70 -3.37 2.38 0.54
N GLU A 71 -2.89 3.16 1.49
CA GLU A 71 -3.18 2.95 2.91
C GLU A 71 -4.66 2.65 3.12
N THR A 72 -5.52 3.42 2.47
CA THR A 72 -6.97 3.25 2.60
C THR A 72 -7.42 1.86 2.15
N GLY A 73 -6.99 1.43 0.98
CA GLY A 73 -7.38 0.13 0.46
C GLY A 73 -7.06 -1.00 1.42
N LEU A 74 -6.07 -0.79 2.29
CA LEU A 74 -5.69 -1.80 3.26
C LEU A 74 -6.48 -1.63 4.57
N ILE A 75 -6.82 -0.39 4.90
CA ILE A 75 -7.56 -0.12 6.13
C ILE A 75 -9.04 -0.49 6.02
N ALA A 76 -9.51 -0.70 4.80
CA ALA A 76 -10.91 -1.03 4.57
C ALA A 76 -11.21 -2.51 4.84
N MET A 77 -10.17 -3.35 4.74
CA MET A 77 -10.36 -4.77 4.99
C MET A 77 -9.67 -5.19 6.29
N LYS A 78 -9.89 -6.44 6.70
CA LYS A 78 -9.30 -6.97 7.93
C LYS A 78 -7.82 -7.26 7.72
N VAL A 79 -7.25 -8.17 8.51
CA VAL A 79 -5.85 -8.52 8.39
C VAL A 79 -5.71 -9.88 7.71
N ASN A 80 -4.53 -10.16 7.16
CA ASN A 80 -4.27 -11.41 6.48
C ASN A 80 -5.10 -11.52 5.20
N GLN A 81 -5.53 -10.37 4.67
CA GLN A 81 -6.32 -10.34 3.45
C GLN A 81 -5.47 -9.95 2.26
N LYS A 82 -5.49 -10.78 1.22
CA LYS A 82 -4.72 -10.53 0.01
C LYS A 82 -5.51 -9.69 -0.97
N LYS A 83 -5.35 -8.37 -0.89
CA LYS A 83 -6.06 -7.45 -1.77
C LYS A 83 -5.19 -7.02 -2.94
N THR A 84 -5.33 -7.71 -4.07
CA THR A 84 -4.56 -7.38 -5.27
C THR A 84 -5.24 -6.25 -6.04
N LEU A 85 -5.11 -5.03 -5.52
CA LEU A 85 -5.72 -3.86 -6.15
C LEU A 85 -4.77 -3.18 -7.14
N ALA A 86 -5.32 -2.80 -8.29
CA ALA A 86 -4.54 -2.13 -9.33
C ALA A 86 -4.58 -0.62 -9.14
N LEU A 87 -3.73 -0.10 -8.27
CA LEU A 87 -3.70 1.34 -7.99
C LEU A 87 -2.73 2.07 -8.89
N THR A 88 -2.94 3.38 -9.02
CA THR A 88 -2.08 4.21 -9.83
C THR A 88 -0.95 4.76 -8.99
N PHE A 89 -0.06 5.51 -9.61
CA PHE A 89 1.07 6.10 -8.90
C PHE A 89 1.02 7.62 -9.02
N PRO A 90 0.62 8.32 -7.94
CA PRO A 90 0.51 9.78 -7.93
C PRO A 90 1.87 10.48 -7.87
N SER A 91 1.86 11.79 -8.12
CA SER A 91 3.08 12.57 -8.08
C SER A 91 3.73 12.50 -6.71
N ASP A 92 2.90 12.39 -5.68
CA ASP A 92 3.37 12.31 -4.29
C ASP A 92 4.53 11.34 -4.17
N TYR A 93 4.49 10.25 -4.94
CA TYR A 93 5.55 9.24 -4.89
C TYR A 93 6.93 9.88 -4.92
N HIS A 94 7.85 9.31 -4.13
CA HIS A 94 9.22 9.83 -4.05
C HIS A 94 9.93 9.75 -5.38
N VAL A 95 9.53 8.80 -6.23
CA VAL A 95 10.16 8.66 -7.54
C VAL A 95 9.35 9.34 -8.64
N LYS A 96 10.07 10.02 -9.52
CA LYS A 96 9.46 10.73 -10.64
C LYS A 96 8.56 9.82 -11.47
N GLU A 97 9.05 8.63 -11.78
CA GLU A 97 8.32 7.67 -12.59
C GLU A 97 6.95 7.34 -12.00
N LEU A 98 6.90 7.12 -10.69
CA LEU A 98 5.64 6.80 -10.03
C LEU A 98 4.77 8.01 -9.82
N GLN A 99 4.94 8.99 -10.68
CA GLN A 99 4.14 10.19 -10.62
C GLN A 99 2.84 9.93 -11.38
N SER A 100 2.96 9.16 -12.47
CA SER A 100 1.80 8.82 -13.30
C SER A 100 1.87 7.38 -13.80
N LYS A 101 2.05 6.42 -12.88
CA LYS A 101 2.15 5.01 -13.29
C LYS A 101 1.09 4.10 -12.65
N PRO A 102 0.10 3.65 -13.45
CA PRO A 102 -0.96 2.74 -12.98
C PRO A 102 -0.41 1.34 -12.70
N VAL A 103 -0.13 1.07 -11.43
CA VAL A 103 0.46 -0.21 -11.02
C VAL A 103 -0.54 -1.17 -10.38
N THR A 104 -0.19 -2.46 -10.41
CA THR A 104 -0.99 -3.51 -9.80
C THR A 104 -0.31 -3.99 -8.53
N PHE A 105 -0.83 -3.56 -7.39
CA PHE A 105 -0.24 -3.91 -6.11
C PHE A 105 -0.93 -5.10 -5.45
N GLU A 106 -0.12 -6.07 -5.03
CA GLU A 106 -0.61 -7.23 -4.31
C GLU A 106 -0.36 -6.97 -2.84
N VAL A 107 -1.31 -6.28 -2.20
CA VAL A 107 -1.16 -5.93 -0.80
C VAL A 107 -1.77 -6.95 0.13
N VAL A 108 -0.91 -7.69 0.84
CA VAL A 108 -1.35 -8.69 1.79
C VAL A 108 -1.65 -7.98 3.11
N LEU A 109 -2.92 -7.60 3.26
CA LEU A 109 -3.39 -6.84 4.42
C LEU A 109 -2.99 -7.42 5.78
N LYS A 110 -1.74 -7.22 6.20
CA LYS A 110 -1.31 -7.66 7.51
C LYS A 110 -1.21 -6.41 8.37
N ALA A 111 -1.86 -6.38 9.53
CA ALA A 111 -1.85 -5.14 10.32
C ALA A 111 -1.53 -5.31 11.81
N ILE A 112 -0.57 -4.50 12.23
CA ILE A 112 -0.11 -4.46 13.61
C ILE A 112 -0.47 -3.11 14.22
N LYS A 113 -0.99 -3.09 15.45
CA LYS A 113 -1.35 -1.81 16.06
C LYS A 113 -0.27 -1.34 17.03
#